data_6VN6
#
_entry.id   6VN6
#
_cell.length_a   70.301
_cell.length_b   65.680
_cell.length_c   85.313
_cell.angle_alpha   90.000
_cell.angle_beta   94.040
_cell.angle_gamma   90.000
#
_symmetry.space_group_name_H-M   'P 1 21 1'
#
loop_
_entity.id
_entity.type
_entity.pdbx_description
1 polymer 'Ubiquitin carboxyl-terminal hydrolase 7'
2 non-polymer [(2R)-5-chloro-7-{2-[(2S)-1-chloro-2,3-dihydroxypropan-2-yl]thieno[3,2-b]pyridin-7-yl}-2,3-dihydro-1-benzofuran-2-yl](piperazin-1-yl)methanone
3 non-polymer 'ZINC ION'
#
_entity_poly.entity_id   1
_entity_poly.type   'polypeptide(L)'
_entity_poly.pdbx_seq_one_letter_code
;GSKKHTGYVGLKNQGATCYMNSLLQTLFFTNQLRKAVYMMPTEGDDSSKSVPLALQRVFYELQHSDKPVGTKKLTKSFGW
ETLDSFMQHDVQELCRVLLDNVENKMKGTCVEGTIPKLFRGKMVSYIQCKEVDYRSDRREDYYDIQLSIKGKKNIFESFV
DYVAVEQLDGDNKYDAGEHGLQEAEKGVKFLTLPPVLHLQLMRFMYDPQTDQNIKINDRFEFPEQLPLDEFLQKTDPKDP
ANYILHAVLVHSGDNHGGHYVVYLNPKGDGKWCKFDDDVVSRCTKEEAIEHNYGGHDDDLSVRHCTNAYMLVYIRESKLS
EVLQAVTDHDIPQQLVERLQEEKRIEAQKR
;
_entity_poly.pdbx_strand_id   A,B
#
# COMPACT_ATOMS: atom_id res chain seq x y z
N SER A 2 -1.14 3.81 33.65
CA SER A 2 -2.16 2.71 33.86
C SER A 2 -3.11 2.58 32.66
N LYS A 3 -3.43 1.33 32.29
CA LYS A 3 -4.23 1.04 31.09
C LYS A 3 -5.73 1.33 31.22
N LYS A 4 -6.28 1.18 32.42
CA LYS A 4 -7.74 1.35 32.64
C LYS A 4 -8.24 2.79 32.44
N HIS A 5 -7.46 3.78 32.88
CA HIS A 5 -7.81 5.20 32.70
C HIS A 5 -7.69 5.65 31.23
N THR A 6 -6.47 5.52 30.71
CA THR A 6 -6.07 6.08 29.40
C THR A 6 -6.29 5.18 28.18
N GLY A 7 -6.25 3.85 28.40
CA GLY A 7 -6.19 2.87 27.31
C GLY A 7 -4.79 2.35 26.98
N TYR A 8 -3.75 3.02 27.48
CA TYR A 8 -2.35 2.78 27.10
C TYR A 8 -1.51 2.54 28.34
N VAL A 9 -0.40 1.81 28.18
CA VAL A 9 0.57 1.51 29.26
C VAL A 9 1.90 2.21 29.04
N GLY A 10 2.61 2.39 30.16
CA GLY A 10 3.90 3.05 30.18
C GLY A 10 5.06 2.10 30.00
N LEU A 11 6.26 2.68 30.06
CA LEU A 11 7.54 1.94 30.05
C LEU A 11 8.25 2.18 31.38
N LYS A 12 9.11 1.23 31.78
CA LYS A 12 9.96 1.33 32.99
C LYS A 12 11.41 1.68 32.64
N ASN A 13 12.06 2.46 33.51
CA ASN A 13 13.43 2.95 33.28
C ASN A 13 14.44 1.83 33.55
N THR A 17 18.44 5.18 30.71
CA THR A 17 17.48 5.20 29.60
C THR A 17 16.77 6.55 29.54
N CYS A 18 17.44 7.53 28.94
CA CYS A 18 17.02 8.95 29.01
C CYS A 18 15.80 9.23 28.14
N TYR A 19 16.00 9.25 26.83
CA TYR A 19 15.00 9.71 25.84
C TYR A 19 14.38 8.55 25.05
N MET A 20 14.67 7.31 25.43
CA MET A 20 14.23 6.13 24.68
C MET A 20 12.75 5.86 24.89
N ASN A 21 12.32 5.84 26.16
CA ASN A 21 10.89 5.71 26.52
C ASN A 21 9.97 6.70 25.80
N SER A 22 10.44 7.94 25.62
CA SER A 22 9.76 8.96 24.82
C SER A 22 9.65 8.58 23.33
N LEU A 23 10.76 8.10 22.77
CA LEU A 23 10.81 7.67 21.36
C LEU A 23 10.05 6.37 21.09
N LEU A 24 10.16 5.39 21.98
CA LEU A 24 9.50 4.09 21.80
C LEU A 24 7.97 4.18 21.72
N GLN A 25 7.38 5.03 22.57
CA GLN A 25 5.94 5.34 22.51
C GLN A 25 5.58 6.02 21.19
N THR A 26 6.37 7.02 20.83
CA THR A 26 6.26 7.74 19.54
C THR A 26 6.29 6.83 18.30
N LEU A 27 7.20 5.85 18.30
CA LEU A 27 7.30 4.85 17.21
C LEU A 27 6.24 3.74 17.29
N PHE A 28 5.84 3.36 18.50
CA PHE A 28 4.76 2.38 18.74
C PHE A 28 3.41 2.86 18.18
N PHE A 29 3.04 4.11 18.50
CA PHE A 29 1.79 4.72 18.01
C PHE A 29 1.84 5.23 16.56
N THR A 30 2.99 5.08 15.89
CA THR A 30 3.06 5.03 14.43
C THR A 30 2.60 3.62 14.01
N ASN A 31 1.28 3.45 13.90
CA ASN A 31 0.64 2.11 13.78
C ASN A 31 1.08 1.31 12.54
N GLN A 32 1.20 1.99 11.40
CA GLN A 32 1.69 1.36 10.15
C GLN A 32 3.12 0.77 10.29
N LEU A 33 3.98 1.44 11.06
CA LEU A 33 5.31 0.90 11.41
C LEU A 33 5.20 -0.32 12.32
N ARG A 34 4.39 -0.20 13.38
CA ARG A 34 4.14 -1.27 14.36
C ARG A 34 3.69 -2.59 13.72
N LYS A 35 2.76 -2.49 12.77
CA LYS A 35 2.29 -3.65 11.98
C LYS A 35 3.43 -4.29 11.20
N ALA A 36 4.22 -3.47 10.51
CA ALA A 36 5.41 -3.91 9.78
C ALA A 36 6.50 -4.50 10.68
N VAL A 37 6.67 -3.93 11.89
CA VAL A 37 7.57 -4.48 12.92
C VAL A 37 7.15 -5.91 13.30
N TYR A 38 5.85 -6.16 13.46
CA TYR A 38 5.34 -7.52 13.76
C TYR A 38 5.56 -8.53 12.62
N MET A 39 5.50 -8.06 11.36
CA MET A 39 5.74 -8.91 10.18
C MET A 39 7.22 -9.22 9.84
N MET A 40 8.18 -8.72 10.63
CA MET A 40 9.62 -9.06 10.42
C MET A 40 9.88 -10.54 10.70
N PRO A 41 10.62 -11.24 9.80
CA PRO A 41 10.87 -12.67 9.98
C PRO A 41 11.98 -12.94 11.00
N THR A 42 11.62 -12.86 12.28
CA THR A 42 12.54 -12.97 13.42
C THR A 42 12.53 -14.36 14.13
N GLU A 43 11.99 -15.39 13.47
CA GLU A 43 11.92 -16.75 14.06
C GLU A 43 13.29 -17.43 14.18
N GLY A 44 14.18 -17.17 13.21
CA GLY A 44 15.58 -17.65 13.24
C GLY A 44 16.58 -16.58 13.66
N ASP A 45 16.25 -15.84 14.73
CA ASP A 45 17.11 -14.81 15.33
C ASP A 45 17.33 -15.16 16.81
N ASP A 46 18.45 -14.68 17.36
CA ASP A 46 18.78 -14.85 18.77
C ASP A 46 17.98 -13.86 19.62
N SER A 47 17.58 -14.30 20.82
CA SER A 47 16.73 -13.50 21.71
C SER A 47 17.44 -12.31 22.32
N SER A 48 18.64 -12.56 22.85
CA SER A 48 19.47 -11.54 23.50
C SER A 48 20.07 -10.49 22.53
N LYS A 49 20.40 -10.90 21.30
CA LYS A 49 21.18 -10.07 20.35
C LYS A 49 20.36 -9.29 19.31
N SER A 50 19.22 -9.85 18.87
CA SER A 50 18.40 -9.25 17.79
C SER A 50 17.66 -7.99 18.23
N VAL A 51 17.98 -6.86 17.59
CA VAL A 51 17.28 -5.58 17.81
C VAL A 51 15.83 -5.62 17.25
N PRO A 52 15.63 -6.17 16.02
CA PRO A 52 14.27 -6.43 15.50
C PRO A 52 13.31 -7.19 16.43
N LEU A 53 13.79 -8.28 17.04
CA LEU A 53 12.99 -9.07 17.98
C LEU A 53 12.72 -8.31 19.29
N ALA A 54 13.71 -7.56 19.78
CA ALA A 54 13.54 -6.77 21.00
C ALA A 54 12.51 -5.65 20.88
N LEU A 55 12.48 -5.00 19.71
CA LEU A 55 11.46 -3.99 19.40
C LEU A 55 10.08 -4.61 19.19
N GLN A 56 10.03 -5.80 18.58
CA GLN A 56 8.80 -6.63 18.54
C GLN A 56 8.26 -6.98 19.94
N ARG A 57 9.15 -7.31 20.88
CA ARG A 57 8.77 -7.61 22.27
C ARG A 57 8.17 -6.41 22.99
N VAL A 58 8.84 -5.26 22.89
CA VAL A 58 8.36 -4.01 23.50
C VAL A 58 7.00 -3.61 22.92
N PHE A 59 6.88 -3.66 21.60
CA PHE A 59 5.62 -3.37 20.89
C PHE A 59 4.49 -4.36 21.23
N TYR A 60 4.83 -5.65 21.30
CA TYR A 60 3.89 -6.68 21.77
C TYR A 60 3.39 -6.34 23.17
N GLU A 61 4.34 -6.16 24.09
CA GLU A 61 4.03 -5.90 25.50
C GLU A 61 3.33 -4.56 25.72
N LEU A 62 3.71 -3.52 24.98
CA LEU A 62 2.97 -2.23 25.00
C LEU A 62 1.53 -2.36 24.51
N GLN A 63 1.30 -3.21 23.51
CA GLN A 63 -0.05 -3.49 23.00
C GLN A 63 -0.91 -4.31 23.99
N HIS A 64 -0.28 -5.27 24.69
CA HIS A 64 -0.99 -6.32 25.47
C HIS A 64 -0.97 -6.19 27.00
N SER A 65 0.16 -5.77 27.58
CA SER A 65 0.32 -5.70 29.05
C SER A 65 -0.59 -4.65 29.70
N ASP A 66 -1.00 -4.95 30.93
CA ASP A 66 -1.66 -3.98 31.83
C ASP A 66 -0.64 -3.26 32.71
N LYS A 67 0.38 -4.01 33.18
CA LYS A 67 1.52 -3.46 33.91
C LYS A 67 2.54 -2.76 32.97
N PRO A 68 3.48 -1.94 33.52
CA PRO A 68 4.53 -1.30 32.68
C PRO A 68 5.53 -2.26 32.02
N VAL A 69 6.03 -1.86 30.86
CA VAL A 69 6.78 -2.73 29.94
C VAL A 69 8.29 -2.48 30.07
N GLY A 70 9.05 -3.57 30.16
CA GLY A 70 10.51 -3.51 30.30
C GLY A 70 11.25 -3.20 29.01
N THR A 71 12.42 -2.56 29.17
CA THR A 71 13.30 -2.16 28.06
C THR A 71 14.75 -2.71 28.18
N LYS A 72 15.02 -3.61 29.14
CA LYS A 72 16.38 -4.11 29.41
C LYS A 72 16.94 -4.98 28.28
N LYS A 73 16.08 -5.84 27.73
CA LYS A 73 16.44 -6.68 26.57
C LYS A 73 16.75 -5.85 25.31
N LEU A 74 16.02 -4.74 25.13
CA LEU A 74 16.22 -3.82 24.00
C LEU A 74 17.52 -3.01 24.09
N THR A 75 17.86 -2.53 25.28
CA THR A 75 19.15 -1.86 25.52
C THR A 75 20.35 -2.77 25.27
N LYS A 76 20.27 -4.02 25.76
CA LYS A 76 21.33 -5.02 25.58
C LYS A 76 21.56 -5.46 24.12
N SER A 77 20.53 -5.36 23.26
CA SER A 77 20.63 -5.79 21.85
C SER A 77 21.55 -4.89 20.99
N PHE A 78 21.44 -3.57 21.14
CA PHE A 78 22.34 -2.59 20.45
C PHE A 78 23.42 -1.93 21.34
N GLY A 79 23.70 -2.53 22.51
CA GLY A 79 24.86 -2.18 23.33
C GLY A 79 24.90 -0.86 24.09
N TRP A 80 23.77 -0.13 24.14
CA TRP A 80 23.68 1.17 24.83
C TRP A 80 23.08 0.94 26.22
N GLU A 81 23.84 0.25 27.07
CA GLU A 81 23.37 -0.19 28.40
C GLU A 81 23.56 0.89 29.48
N THR A 82 24.76 1.47 29.52
CA THR A 82 25.12 2.53 30.47
C THR A 82 24.46 3.89 30.15
N LEU A 83 24.53 4.80 31.12
CA LEU A 83 23.99 6.17 30.97
C LEU A 83 24.79 7.04 29.99
N ASP A 84 26.13 6.94 30.06
CA ASP A 84 27.04 7.69 29.18
C ASP A 84 26.90 7.39 27.67
N SER A 85 26.46 6.18 27.33
CA SER A 85 26.14 5.80 25.93
C SER A 85 24.92 6.55 25.38
N PHE A 86 23.88 6.69 26.20
CA PHE A 86 22.71 7.55 25.87
C PHE A 86 23.05 9.04 25.77
N MET A 87 23.89 9.51 26.69
CA MET A 87 24.26 10.94 26.75
C MET A 87 25.06 11.44 25.53
N GLN A 88 25.99 10.62 25.05
CA GLN A 88 26.83 10.96 23.88
C GLN A 88 26.03 11.19 22.59
N HIS A 89 25.05 10.33 22.34
CA HIS A 89 24.16 10.43 21.16
C HIS A 89 22.94 11.31 21.44
N ASP A 90 22.23 11.67 20.37
CA ASP A 90 20.96 12.42 20.40
C ASP A 90 19.79 11.54 19.98
N VAL A 91 18.57 12.08 20.08
CA VAL A 91 17.33 11.33 19.78
C VAL A 91 17.22 10.88 18.30
N GLN A 92 17.62 11.75 17.37
CA GLN A 92 17.68 11.40 15.94
C GLN A 92 18.67 10.28 15.60
N GLU A 93 19.78 10.21 16.34
CA GLU A 93 20.78 9.15 16.18
C GLU A 93 20.24 7.81 16.70
N LEU A 94 19.54 7.83 17.84
CA LEU A 94 18.81 6.66 18.37
C LEU A 94 17.72 6.17 17.41
N CYS A 95 16.92 7.12 16.92
CA CYS A 95 15.91 6.87 15.89
C CYS A 95 16.50 6.26 14.61
N ARG A 96 17.68 6.72 14.20
CA ARG A 96 18.41 6.14 13.07
C ARG A 96 18.95 4.74 13.36
N VAL A 97 19.42 4.49 14.59
CA VAL A 97 19.89 3.14 15.02
C VAL A 97 18.75 2.10 15.03
N LEU A 98 17.58 2.47 15.55
CA LEU A 98 16.42 1.58 15.59
C LEU A 98 15.85 1.31 14.19
N LEU A 99 15.55 2.37 13.45
CA LEU A 99 14.90 2.26 12.14
C LEU A 99 15.76 1.64 11.02
N ASP A 100 17.08 1.81 11.08
CA ASP A 100 18.00 1.10 10.15
C ASP A 100 18.00 -0.41 10.35
N ASN A 101 18.04 -0.86 11.61
CA ASN A 101 17.90 -2.30 11.95
C ASN A 101 16.58 -2.89 11.46
N VAL A 102 15.49 -2.16 11.69
CA VAL A 102 14.16 -2.57 11.25
C VAL A 102 14.06 -2.58 9.71
N GLU A 103 14.65 -1.58 9.03
CA GLU A 103 14.63 -1.51 7.55
C GLU A 103 15.42 -2.64 6.89
N ASN A 104 16.63 -2.91 7.40
CA ASN A 104 17.50 -3.98 6.88
C ASN A 104 16.91 -5.37 7.09
N LYS A 105 16.25 -5.59 8.24
CA LYS A 105 15.51 -6.84 8.51
C LYS A 105 14.28 -7.02 7.59
N MET A 106 13.60 -5.91 7.28
CA MET A 106 12.46 -5.93 6.36
C MET A 106 12.81 -6.10 4.87
N LYS A 107 14.09 -5.97 4.49
CA LYS A 107 14.53 -6.21 3.10
C LYS A 107 14.39 -7.68 2.70
N GLY A 108 14.00 -7.89 1.44
CA GLY A 108 13.60 -9.21 0.93
C GLY A 108 12.34 -9.81 1.54
N THR A 109 11.44 -8.98 2.07
CA THR A 109 10.19 -9.43 2.71
C THR A 109 8.99 -8.64 2.20
N CYS A 110 7.80 -9.16 2.47
CA CYS A 110 6.52 -8.52 2.12
C CYS A 110 6.34 -7.08 2.60
N VAL A 111 6.98 -6.73 3.73
CA VAL A 111 6.89 -5.38 4.31
C VAL A 111 8.19 -4.55 4.12
N GLU A 112 8.84 -4.74 2.96
CA GLU A 112 10.04 -3.98 2.59
C GLU A 112 9.67 -2.56 2.17
N GLY A 113 10.57 -1.63 2.45
CA GLY A 113 10.37 -0.23 2.15
C GLY A 113 9.36 0.51 3.02
N THR A 114 9.05 -0.01 4.20
CA THR A 114 8.09 0.63 5.11
C THR A 114 8.67 1.86 5.81
N ILE A 115 9.95 1.79 6.20
CA ILE A 115 10.64 2.94 6.83
C ILE A 115 10.71 4.13 5.86
N PRO A 116 11.27 3.93 4.63
CA PRO A 116 11.23 5.04 3.67
C PRO A 116 9.84 5.49 3.19
N LYS A 117 8.86 4.58 3.17
CA LYS A 117 7.46 4.94 2.89
C LYS A 117 6.93 5.95 3.89
N LEU A 118 7.19 5.73 5.17
CA LEU A 118 6.70 6.59 6.26
C LEU A 118 7.57 7.82 6.53
N PHE A 119 8.90 7.63 6.51
CA PHE A 119 9.87 8.61 7.04
C PHE A 119 10.78 9.35 6.05
N ARG A 120 11.08 8.75 4.89
CA ARG A 120 12.02 9.33 3.92
C ARG A 120 11.37 10.37 3.02
N GLY A 121 11.83 11.62 3.15
CA GLY A 121 11.55 12.70 2.18
C GLY A 121 12.78 13.00 1.35
N LYS A 122 12.65 13.98 0.45
CA LYS A 122 13.71 14.36 -0.51
C LYS A 122 13.90 15.88 -0.58
N MET A 123 15.16 16.31 -0.70
CA MET A 123 15.51 17.73 -0.90
C MET A 123 16.69 17.90 -1.85
N VAL A 124 16.84 19.13 -2.36
CA VAL A 124 17.92 19.54 -3.26
C VAL A 124 18.71 20.63 -2.55
N SER A 125 19.99 20.35 -2.27
CA SER A 125 20.95 21.39 -1.87
C SER A 125 21.63 21.89 -3.14
N TYR A 126 21.54 23.21 -3.39
CA TYR A 126 21.96 23.82 -4.65
C TYR A 126 22.93 24.98 -4.42
N ILE A 127 23.84 25.19 -5.37
CA ILE A 127 24.72 26.37 -5.44
C ILE A 127 24.61 26.92 -6.86
N GLN A 128 24.06 28.14 -6.98
CA GLN A 128 23.95 28.87 -8.26
C GLN A 128 24.89 30.07 -8.23
N CYS A 129 25.80 30.15 -9.21
CA CYS A 129 26.61 31.36 -9.44
C CYS A 129 25.73 32.46 -10.04
N LYS A 130 25.95 33.70 -9.62
CA LYS A 130 25.13 34.84 -10.06
C LYS A 130 25.53 35.32 -11.46
N GLU A 131 26.82 35.63 -11.64
CA GLU A 131 27.34 36.26 -12.88
C GLU A 131 27.90 35.32 -13.98
N VAL A 132 28.03 34.02 -13.69
CA VAL A 132 28.47 33.00 -14.67
C VAL A 132 27.47 31.83 -14.67
N ASP A 133 27.30 31.18 -15.82
CA ASP A 133 26.42 30.02 -15.97
C ASP A 133 27.10 28.77 -15.39
N TYR A 134 26.93 28.56 -14.09
CA TYR A 134 27.29 27.31 -13.41
C TYR A 134 26.32 27.06 -12.26
N ARG A 135 25.67 25.89 -12.26
CA ARG A 135 24.82 25.41 -11.16
C ARG A 135 25.29 24.03 -10.72
N SER A 136 25.22 23.77 -9.41
CA SER A 136 25.62 22.49 -8.80
C SER A 136 24.52 22.03 -7.86
N ASP A 137 23.90 20.88 -8.17
CA ASP A 137 22.81 20.28 -7.39
C ASP A 137 23.25 18.97 -6.74
N ARG A 138 22.68 18.67 -5.56
CA ARG A 138 22.70 17.31 -4.99
C ARG A 138 21.32 16.97 -4.45
N ARG A 139 20.70 15.91 -4.98
CA ARG A 139 19.49 15.32 -4.42
C ARG A 139 19.88 14.49 -3.19
N GLU A 140 19.40 14.90 -2.01
CA GLU A 140 19.60 14.17 -0.74
C GLU A 140 18.27 13.62 -0.21
N ASP A 141 18.32 12.40 0.32
CA ASP A 141 17.26 11.87 1.17
C ASP A 141 17.43 12.39 2.60
N TYR A 142 16.33 12.42 3.35
CA TYR A 142 16.33 12.71 4.79
C TYR A 142 15.23 11.91 5.49
N TYR A 143 15.54 11.39 6.68
CA TYR A 143 14.56 10.71 7.56
C TYR A 143 14.07 11.57 8.73
N ASP A 144 14.90 12.52 9.18
CA ASP A 144 14.51 13.57 10.12
C ASP A 144 14.92 14.97 9.60
N ILE A 145 14.47 16.01 10.30
CA ILE A 145 14.87 17.41 10.08
C ILE A 145 15.26 18.03 11.43
N GLN A 146 16.38 18.78 11.43
CA GLN A 146 16.85 19.54 12.59
C GLN A 146 16.61 21.02 12.30
N LEU A 147 15.61 21.60 12.96
CA LEU A 147 15.23 23.01 12.78
C LEU A 147 15.93 23.91 13.80
N SER A 148 16.36 25.09 13.33
CA SER A 148 16.88 26.16 14.20
C SER A 148 15.71 26.85 14.91
N ILE A 149 15.92 27.18 16.19
CA ILE A 149 14.93 27.93 17.01
C ILE A 149 15.42 29.26 17.65
N LYS A 150 16.74 29.52 17.65
CA LYS A 150 17.29 30.75 18.24
C LYS A 150 16.92 31.95 17.40
N GLY A 151 16.23 32.91 18.01
CA GLY A 151 15.65 34.06 17.31
C GLY A 151 14.49 33.74 16.37
N LYS A 152 13.86 32.56 16.55
CA LYS A 152 12.73 32.10 15.73
C LYS A 152 11.52 31.99 16.68
N LYS A 153 10.43 32.68 16.34
CA LYS A 153 9.18 32.64 17.11
C LYS A 153 8.42 31.31 16.98
N ASN A 154 8.43 30.72 15.77
CA ASN A 154 7.63 29.52 15.46
C ASN A 154 8.23 28.61 14.36
N ILE A 155 7.55 27.47 14.11
CA ILE A 155 7.95 26.49 13.08
C ILE A 155 8.01 27.11 11.66
N PHE A 156 7.01 27.93 11.32
CA PHE A 156 6.97 28.64 10.03
C PHE A 156 8.26 29.45 9.81
N GLU A 157 8.64 30.24 10.81
CA GLU A 157 9.91 31.00 10.79
C GLU A 157 11.17 30.12 10.69
N SER A 158 11.16 28.96 11.37
CA SER A 158 12.26 27.97 11.29
C SER A 158 12.37 27.27 9.92
N PHE A 159 11.23 26.98 9.29
CA PHE A 159 11.20 26.46 7.90
C PHE A 159 11.62 27.52 6.88
N VAL A 160 11.26 28.78 7.11
CA VAL A 160 11.77 29.92 6.29
C VAL A 160 13.30 29.99 6.37
N ASP A 161 13.83 29.97 7.61
CA ASP A 161 15.28 29.98 7.85
C ASP A 161 16.00 28.74 7.29
N TYR A 162 15.33 27.58 7.32
CA TYR A 162 15.87 26.34 6.73
C TYR A 162 16.11 26.50 5.22
N VAL A 163 15.10 27.00 4.51
CA VAL A 163 15.16 27.21 3.05
C VAL A 163 15.71 28.58 2.59
N ALA A 164 16.18 29.43 3.52
CA ALA A 164 16.65 30.78 3.20
C ALA A 164 17.94 30.78 2.38
N VAL A 165 18.01 31.67 1.39
CA VAL A 165 19.10 31.69 0.42
C VAL A 165 20.24 32.48 1.05
N GLU A 166 21.35 31.78 1.35
CA GLU A 166 22.58 32.41 1.83
C GLU A 166 23.35 32.96 0.63
N GLN A 167 23.86 34.18 0.79
CA GLN A 167 24.71 34.83 -0.23
C GLN A 167 26.18 34.55 0.08
N LEU A 168 26.96 34.38 -0.98
CA LEU A 168 28.39 34.10 -0.91
C LEU A 168 29.12 35.24 -1.62
N ASP A 169 29.60 36.20 -0.82
CA ASP A 169 30.22 37.46 -1.32
C ASP A 169 31.50 37.84 -0.55
N GLY A 170 32.36 38.60 -1.22
CA GLY A 170 33.52 39.23 -0.58
C GLY A 170 34.59 38.27 -0.13
N ASP A 171 34.56 37.90 1.15
CA ASP A 171 35.52 36.94 1.74
C ASP A 171 35.14 35.53 1.33
N ASN A 172 33.90 35.15 1.65
CA ASN A 172 33.36 33.80 1.41
C ASN A 172 32.63 33.77 0.06
N LYS A 173 33.41 33.79 -1.01
CA LYS A 173 32.91 33.61 -2.39
C LYS A 173 33.07 32.14 -2.79
N TYR A 174 32.19 31.66 -3.68
CA TYR A 174 32.20 30.26 -4.13
C TYR A 174 33.40 29.97 -5.07
N ASP A 175 34.18 28.94 -4.72
CA ASP A 175 35.24 28.41 -5.59
C ASP A 175 34.56 27.58 -6.69
N ALA A 176 34.49 28.16 -7.88
CA ALA A 176 33.96 27.48 -9.09
C ALA A 176 35.04 26.74 -9.94
N GLY A 177 36.27 26.65 -9.44
CA GLY A 177 37.32 25.85 -10.09
C GLY A 177 37.86 26.52 -11.34
N GLU A 178 37.30 26.13 -12.48
CA GLU A 178 37.74 26.65 -13.79
C GLU A 178 37.27 28.10 -14.00
N HIS A 179 36.02 28.38 -13.64
CA HIS A 179 35.47 29.75 -13.65
C HIS A 179 36.09 30.68 -12.59
N GLY A 180 36.57 30.10 -11.48
CA GLY A 180 37.32 30.84 -10.44
C GLY A 180 36.50 31.16 -9.21
N LEU A 181 36.99 32.11 -8.40
CA LEU A 181 36.27 32.59 -7.21
C LEU A 181 35.09 33.48 -7.63
N GLN A 182 33.89 32.92 -7.55
CA GLN A 182 32.66 33.55 -8.06
C GLN A 182 31.67 33.88 -6.92
N GLU A 183 30.93 34.98 -7.11
CA GLU A 183 29.78 35.31 -6.26
C GLU A 183 28.63 34.35 -6.58
N ALA A 184 27.93 33.87 -5.54
CA ALA A 184 26.94 32.80 -5.68
C ALA A 184 25.89 32.77 -4.57
N GLU A 185 24.82 32.02 -4.83
CA GLU A 185 23.69 31.83 -3.92
C GLU A 185 23.60 30.36 -3.51
N LYS A 186 23.76 30.09 -2.21
CA LYS A 186 23.60 28.76 -1.62
C LYS A 186 22.24 28.66 -0.93
N GLY A 187 21.56 27.53 -1.12
CA GLY A 187 20.28 27.25 -0.48
C GLY A 187 19.90 25.78 -0.48
N VAL A 188 18.81 25.46 0.20
CA VAL A 188 18.18 24.12 0.18
C VAL A 188 16.68 24.24 -0.12
N LYS A 189 16.15 23.26 -0.84
CA LYS A 189 14.76 23.23 -1.33
C LYS A 189 14.14 21.85 -1.12
N PHE A 190 13.01 21.79 -0.41
CA PHE A 190 12.27 20.53 -0.20
C PHE A 190 11.55 20.11 -1.48
N LEU A 191 11.79 18.87 -1.91
CA LEU A 191 11.09 18.27 -3.06
C LEU A 191 9.81 17.60 -2.61
N THR A 192 9.92 16.76 -1.58
CA THR A 192 8.77 16.10 -0.95
C THR A 192 8.93 16.03 0.58
N LEU A 193 7.78 16.05 1.27
CA LEU A 193 7.69 15.86 2.72
C LEU A 193 7.03 14.49 2.98
N PRO A 194 7.62 13.67 3.89
CA PRO A 194 7.13 12.30 4.08
C PRO A 194 5.85 12.23 4.95
N PRO A 195 5.12 11.09 4.96
CA PRO A 195 3.91 10.93 5.78
C PRO A 195 4.10 11.24 7.27
N VAL A 196 5.14 10.65 7.87
CA VAL A 196 5.51 10.88 9.26
C VAL A 196 6.74 11.79 9.25
N LEU A 197 6.59 12.98 9.83
CA LEU A 197 7.59 14.05 9.79
C LEU A 197 8.20 14.23 11.19
N HIS A 198 9.41 13.70 11.37
CA HIS A 198 10.18 13.89 12.61
C HIS A 198 10.96 15.20 12.53
N LEU A 199 10.59 16.16 13.38
CA LEU A 199 11.21 17.48 13.45
C LEU A 199 11.88 17.63 14.82
N GLN A 200 13.21 17.64 14.84
CA GLN A 200 13.97 18.00 16.05
C GLN A 200 14.26 19.50 16.04
N LEU A 201 14.30 20.08 17.24
CA LEU A 201 14.48 21.52 17.45
C LEU A 201 15.82 21.76 18.12
N MET A 202 16.61 22.70 17.58
CA MET A 202 18.00 22.91 17.99
C MET A 202 18.09 23.65 19.33
N ARG A 203 17.95 22.88 20.40
CA ARG A 203 18.01 23.41 21.78
C ARG A 203 19.44 23.67 22.31
N PHE A 204 20.48 23.20 21.61
CA PHE A 204 21.90 23.45 21.97
C PHE A 204 22.68 24.15 20.85
N MET A 205 23.62 25.01 21.24
CA MET A 205 24.49 25.78 20.32
C MET A 205 25.89 26.03 20.92
N TYR A 206 26.85 26.39 20.08
CA TYR A 206 28.26 26.59 20.47
C TYR A 206 28.52 28.04 20.88
N ASP A 207 29.03 28.24 22.09
CA ASP A 207 29.28 29.53 22.72
C ASP A 207 30.81 29.59 22.74
N PRO A 208 31.43 30.58 22.07
CA PRO A 208 32.90 30.64 21.94
C PRO A 208 33.71 30.89 23.23
N GLN A 209 33.22 31.76 24.11
CA GLN A 209 33.97 32.15 25.33
C GLN A 209 34.01 31.08 26.43
N THR A 210 33.18 30.04 26.34
CA THR A 210 33.13 28.94 27.32
C THR A 210 33.68 27.59 26.83
N ASP A 211 34.02 27.46 25.54
CA ASP A 211 34.52 26.22 24.92
C ASP A 211 33.61 24.99 25.13
N GLN A 212 32.30 25.23 25.20
CA GLN A 212 31.29 24.23 25.60
C GLN A 212 29.90 24.63 25.11
N ASN A 213 29.06 23.62 24.83
CA ASN A 213 27.66 23.86 24.44
C ASN A 213 26.79 24.27 25.64
N ILE A 214 25.72 25.01 25.35
CA ILE A 214 24.78 25.55 26.35
C ILE A 214 23.34 25.50 25.83
N LYS A 215 22.40 25.28 26.74
CA LYS A 215 20.99 25.04 26.39
C LYS A 215 20.28 26.35 26.04
N ILE A 216 19.26 26.25 25.18
CA ILE A 216 18.40 27.37 24.76
C ILE A 216 17.03 27.12 25.39
N ASN A 217 16.64 27.96 26.35
CA ASN A 217 15.34 27.88 27.04
C ASN A 217 14.26 28.85 26.47
N ASP A 218 14.43 29.28 25.22
CA ASP A 218 13.55 30.29 24.60
C ASP A 218 12.18 29.70 24.25
N ARG A 219 11.17 30.58 24.24
CA ARG A 219 9.81 30.23 23.87
C ARG A 219 9.78 29.97 22.36
N PHE A 220 9.39 28.75 21.98
CA PHE A 220 9.21 28.35 20.60
C PHE A 220 7.81 27.77 20.41
N GLU A 221 7.05 28.34 19.47
CA GLU A 221 5.66 27.94 19.19
C GLU A 221 5.59 26.93 18.06
N PHE A 222 4.56 26.06 18.11
CA PHE A 222 4.30 25.05 17.08
C PHE A 222 2.79 24.73 17.05
N PRO A 223 2.16 24.71 15.85
CA PRO A 223 0.71 24.57 15.80
C PRO A 223 0.22 23.12 15.76
N GLU A 224 -1.09 22.94 15.99
CA GLU A 224 -1.75 21.64 15.82
C GLU A 224 -1.76 21.23 14.35
N GLN A 225 -2.18 22.16 13.49
CA GLN A 225 -2.21 21.98 12.03
C GLN A 225 -1.08 22.82 11.42
N LEU A 226 -0.28 22.19 10.56
CA LEU A 226 0.97 22.76 10.02
C LEU A 226 0.96 22.66 8.47
N PRO A 227 0.53 23.74 7.77
CA PRO A 227 0.67 23.76 6.30
C PRO A 227 2.11 24.04 5.86
N LEU A 228 2.60 23.29 4.86
CA LEU A 228 3.98 23.42 4.36
C LEU A 228 4.11 23.39 2.81
N ASP A 229 3.05 23.77 2.08
CA ASP A 229 3.07 23.83 0.60
C ASP A 229 4.03 24.90 0.06
N GLU A 230 4.04 26.06 0.71
CA GLU A 230 4.97 27.16 0.37
C GLU A 230 6.47 26.81 0.47
N PHE A 231 6.81 25.84 1.32
CA PHE A 231 8.18 25.30 1.44
C PHE A 231 8.55 24.19 0.43
N LEU A 232 7.56 23.57 -0.22
CA LEU A 232 7.80 22.70 -1.38
C LEU A 232 7.93 23.51 -2.67
N GLN A 233 8.65 22.95 -3.64
CA GLN A 233 8.88 23.59 -4.95
C GLN A 233 7.63 23.46 -5.83
N LYS A 234 7.25 22.22 -6.12
CA LYS A 234 6.09 21.88 -6.94
C LYS A 234 5.03 21.27 -6.02
N THR A 235 3.95 22.01 -5.78
CA THR A 235 2.85 21.56 -4.92
C THR A 235 1.92 20.60 -5.69
N ASP A 236 1.03 19.95 -4.94
CA ASP A 236 0.01 19.05 -5.49
C ASP A 236 -1.35 19.51 -4.93
N PRO A 237 -2.31 19.92 -5.80
CA PRO A 237 -3.65 20.27 -5.31
C PRO A 237 -4.47 19.05 -4.81
N LYS A 238 -4.28 17.89 -5.45
CA LYS A 238 -4.87 16.62 -4.99
C LYS A 238 -4.37 16.14 -3.60
N ASP A 239 -3.14 16.51 -3.23
CA ASP A 239 -2.52 16.12 -1.96
C ASP A 239 -1.73 17.32 -1.37
N PRO A 240 -2.43 18.22 -0.64
CA PRO A 240 -1.74 19.29 0.09
C PRO A 240 -0.85 18.78 1.22
N ALA A 241 0.16 19.58 1.58
CA ALA A 241 1.15 19.25 2.62
C ALA A 241 0.70 19.85 3.97
N ASN A 242 -0.47 19.41 4.41
CA ASN A 242 -1.06 19.80 5.71
C ASN A 242 -0.75 18.68 6.69
N TYR A 243 -0.20 19.06 7.84
CA TYR A 243 0.32 18.13 8.83
C TYR A 243 -0.33 18.34 10.19
N ILE A 244 -0.85 17.25 10.75
CA ILE A 244 -1.47 17.23 12.08
C ILE A 244 -0.38 16.87 13.09
N LEU A 245 -0.36 17.57 14.23
CA LEU A 245 0.58 17.31 15.31
C LEU A 245 0.22 16.01 16.01
N HIS A 246 1.22 15.13 16.17
CA HIS A 246 1.02 13.77 16.72
C HIS A 246 1.69 13.55 18.07
N ALA A 247 2.97 13.93 18.19
CA ALA A 247 3.73 13.81 19.43
C ALA A 247 4.60 15.03 19.70
N VAL A 248 4.87 15.26 21.00
CA VAL A 248 5.77 16.31 21.50
C VAL A 248 6.63 15.68 22.58
N LEU A 249 7.94 15.57 22.32
CA LEU A 249 8.93 15.04 23.27
C LEU A 249 9.53 16.22 24.04
N VAL A 250 9.53 16.13 25.38
CA VAL A 250 9.83 17.26 26.29
C VAL A 250 10.91 16.86 27.29
N HIS A 251 11.80 17.82 27.60
CA HIS A 251 12.80 17.72 28.67
C HIS A 251 12.51 18.71 29.81
N SER A 252 12.91 18.35 31.02
CA SER A 252 12.88 19.23 32.20
C SER A 252 14.12 18.99 33.09
N GLY A 253 14.43 19.99 33.94
CA GLY A 253 15.58 19.94 34.84
C GLY A 253 16.90 20.19 34.15
N ASP A 254 17.99 19.92 34.87
CA ASP A 254 19.37 20.13 34.37
C ASP A 254 19.79 19.06 33.33
N ASN A 255 20.89 19.31 32.64
CA ASN A 255 21.33 18.51 31.48
C ASN A 255 21.87 17.13 31.86
N HIS A 256 22.84 17.10 32.76
CA HIS A 256 23.43 15.85 33.27
C HIS A 256 22.47 15.19 34.27
N GLY A 257 21.41 14.58 33.73
CA GLY A 257 20.27 14.06 34.50
C GLY A 257 18.96 14.56 33.91
N GLY A 258 18.09 15.13 34.75
CA GLY A 258 16.79 15.66 34.32
C GLY A 258 15.71 14.61 34.13
N HIS A 259 14.55 15.06 33.65
CA HIS A 259 13.33 14.24 33.49
C HIS A 259 12.82 14.31 32.05
N TYR A 260 12.33 13.17 31.54
CA TYR A 260 12.01 12.96 30.12
C TYR A 260 10.57 12.47 29.92
N VAL A 261 9.72 13.35 29.36
CA VAL A 261 8.30 13.09 29.10
C VAL A 261 8.05 13.15 27.59
N VAL A 262 7.05 12.40 27.12
CA VAL A 262 6.45 12.60 25.79
C VAL A 262 4.94 12.78 25.91
N TYR A 263 4.42 13.75 25.17
CA TYR A 263 2.98 13.95 24.98
C TYR A 263 2.61 13.36 23.63
N LEU A 264 1.39 12.81 23.54
CA LEU A 264 0.96 12.02 22.38
C LEU A 264 -0.56 12.11 22.14
N ASN A 265 -0.92 11.93 20.87
CA ASN A 265 -2.26 12.13 20.33
C ASN A 265 -2.54 10.89 19.46
N PRO A 266 -2.55 9.69 20.08
CA PRO A 266 -2.32 8.42 19.35
C PRO A 266 -3.24 8.10 18.16
N LYS A 267 -4.50 8.54 18.23
CA LYS A 267 -5.48 8.38 17.14
C LYS A 267 -5.52 9.57 16.15
N GLY A 268 -4.72 10.61 16.37
CA GLY A 268 -4.80 11.86 15.60
C GLY A 268 -6.10 12.63 15.74
N ASP A 269 -6.72 12.54 16.92
CA ASP A 269 -8.09 13.01 17.16
C ASP A 269 -8.22 14.13 18.22
N GLY A 270 -7.11 14.78 18.55
CA GLY A 270 -7.05 15.81 19.60
C GLY A 270 -7.19 15.34 21.06
N LYS A 271 -7.21 14.02 21.30
CA LYS A 271 -7.36 13.45 22.64
C LYS A 271 -5.95 13.15 23.12
N TRP A 272 -5.38 14.07 23.89
CA TRP A 272 -3.98 14.02 24.34
C TRP A 272 -3.76 13.22 25.62
N CYS A 273 -2.58 12.60 25.72
CA CYS A 273 -2.10 11.90 26.92
C CYS A 273 -0.63 12.23 27.19
N LYS A 274 -0.28 12.31 28.47
CA LYS A 274 1.10 12.48 28.94
C LYS A 274 1.65 11.09 29.25
N PHE A 275 2.82 10.76 28.70
CA PHE A 275 3.51 9.48 28.97
C PHE A 275 4.78 9.73 29.81
N ASP A 276 4.58 9.79 31.12
CA ASP A 276 5.65 10.04 32.11
C ASP A 276 6.22 8.69 32.61
N ASP A 277 7.04 8.08 31.75
CA ASP A 277 7.55 6.70 31.91
C ASP A 277 6.40 5.71 32.21
N ASP A 278 6.26 5.25 33.44
CA ASP A 278 5.28 4.19 33.78
C ASP A 278 3.84 4.74 33.93
N VAL A 279 3.72 5.98 34.43
CA VAL A 279 2.42 6.64 34.61
C VAL A 279 2.01 7.30 33.29
N VAL A 280 1.05 6.66 32.61
CA VAL A 280 0.34 7.27 31.46
C VAL A 280 -0.95 7.88 32.01
N SER A 281 -1.16 9.17 31.75
CA SER A 281 -2.37 9.91 32.16
C SER A 281 -2.89 10.79 31.03
N ARG A 282 -4.20 11.08 31.08
CA ARG A 282 -4.83 12.02 30.14
C ARG A 282 -4.42 13.46 30.46
N CYS A 283 -4.49 14.29 29.42
CA CYS A 283 -4.20 15.72 29.52
C CYS A 283 -4.89 16.51 28.41
N THR A 284 -4.86 17.83 28.56
CA THR A 284 -5.46 18.76 27.60
C THR A 284 -4.59 18.93 26.35
N LYS A 285 -5.15 19.56 25.31
CA LYS A 285 -4.35 20.10 24.18
C LYS A 285 -3.31 21.12 24.64
N GLU A 286 -3.69 21.94 25.63
CA GLU A 286 -2.91 23.08 26.08
C GLU A 286 -1.70 22.67 26.93
N GLU A 287 -1.84 21.61 27.73
CA GLU A 287 -0.70 21.00 28.44
C GLU A 287 0.33 20.37 27.47
N ALA A 288 -0.16 19.75 26.39
CA ALA A 288 0.69 19.12 25.37
C ALA A 288 1.32 20.14 24.43
N ILE A 289 0.48 20.97 23.82
CA ILE A 289 0.91 21.98 22.83
C ILE A 289 1.43 23.23 23.55
N GLU A 290 0.51 24.06 24.07
CA GLU A 290 0.80 25.45 24.48
C GLU A 290 1.83 25.56 25.62
N HIS A 291 1.66 24.76 26.67
CA HIS A 291 2.52 24.82 27.87
C HIS A 291 3.96 24.33 27.67
N ASN A 292 4.24 23.57 26.60
CA ASN A 292 5.59 23.09 26.27
C ASN A 292 6.29 23.98 25.22
N TYR A 293 6.29 25.30 25.45
CA TYR A 293 6.99 26.27 24.59
C TYR A 293 8.25 26.79 25.30
N GLY A 294 8.06 27.49 26.41
CA GLY A 294 9.17 28.09 27.18
C GLY A 294 8.72 29.01 28.29
N THR A 306 11.49 24.02 31.17
CA THR A 306 10.82 22.99 30.36
C THR A 306 10.88 23.37 28.87
N ASN A 307 11.32 22.45 28.03
CA ASN A 307 11.55 22.69 26.59
C ASN A 307 11.21 21.47 25.75
N ALA A 308 10.37 21.65 24.73
CA ALA A 308 10.12 20.61 23.72
C ALA A 308 11.31 20.56 22.77
N TYR A 309 11.86 19.36 22.58
CA TYR A 309 13.08 19.14 21.74
C TYR A 309 12.85 18.40 20.42
N MET A 310 11.86 17.50 20.38
CA MET A 310 11.40 16.86 19.15
C MET A 310 9.88 16.94 19.04
N LEU A 311 9.39 17.08 17.80
CA LEU A 311 7.97 17.07 17.47
C LEU A 311 7.75 16.12 16.30
N VAL A 312 6.62 15.41 16.32
CA VAL A 312 6.20 14.50 15.24
C VAL A 312 4.91 15.04 14.65
N TYR A 313 4.91 15.17 13.33
CA TYR A 313 3.75 15.60 12.56
C TYR A 313 3.41 14.49 11.58
N ILE A 314 2.12 14.18 11.44
CA ILE A 314 1.62 13.22 10.45
C ILE A 314 0.84 13.99 9.39
N ARG A 315 1.04 13.59 8.13
CA ARG A 315 0.34 14.20 6.98
C ARG A 315 -1.13 13.80 6.99
N GLU A 316 -2.01 14.75 6.70
CA GLU A 316 -3.46 14.58 6.85
C GLU A 316 -4.02 13.56 5.88
N SER A 317 -3.59 13.63 4.62
CA SER A 317 -3.94 12.63 3.58
C SER A 317 -3.50 11.20 3.91
N LYS A 318 -2.38 11.06 4.61
CA LYS A 318 -1.84 9.76 5.04
C LYS A 318 -2.20 9.33 6.48
N LEU A 319 -3.09 10.06 7.16
CA LEU A 319 -3.37 9.86 8.59
C LEU A 319 -4.16 8.57 8.87
N SER A 320 -5.15 8.26 8.04
CA SER A 320 -5.90 6.99 8.10
C SER A 320 -5.03 5.75 7.94
N GLU A 321 -4.03 5.84 7.04
CA GLU A 321 -3.12 4.74 6.74
C GLU A 321 -2.06 4.59 7.85
N VAL A 322 -1.43 5.71 8.21
CA VAL A 322 -0.37 5.75 9.24
C VAL A 322 -0.87 5.29 10.61
N LEU A 323 -2.01 5.85 11.03
CA LEU A 323 -2.67 5.50 12.29
C LEU A 323 -3.83 4.49 12.10
N GLN A 324 -3.71 3.57 11.13
CA GLN A 324 -4.68 2.48 10.94
C GLN A 324 -4.79 1.59 12.19
N ALA A 325 -5.97 1.02 12.39
CA ALA A 325 -6.24 0.19 13.57
C ALA A 325 -5.41 -1.10 13.53
N VAL A 326 -4.62 -1.31 14.60
CA VAL A 326 -3.92 -2.57 14.85
C VAL A 326 -4.85 -3.44 15.68
N THR A 327 -4.76 -4.75 15.45
CA THR A 327 -5.44 -5.76 16.26
C THR A 327 -4.42 -6.82 16.69
N ASP A 328 -4.87 -7.72 17.55
CA ASP A 328 -4.10 -8.91 17.97
C ASP A 328 -3.87 -9.88 16.80
N HIS A 329 -4.75 -9.85 15.79
CA HIS A 329 -4.63 -10.65 14.57
C HIS A 329 -3.44 -10.23 13.67
N ASP A 330 -3.04 -8.97 13.76
CA ASP A 330 -1.88 -8.45 13.00
C ASP A 330 -0.49 -8.91 13.50
N ILE A 331 -0.42 -9.55 14.67
CA ILE A 331 0.83 -10.13 15.20
C ILE A 331 0.82 -11.61 14.79
N PRO A 332 1.84 -12.09 14.03
CA PRO A 332 1.89 -13.51 13.60
C PRO A 332 1.91 -14.52 14.74
N GLN A 333 1.48 -15.75 14.44
CA GLN A 333 1.31 -16.81 15.45
C GLN A 333 2.64 -17.23 16.08
N GLN A 334 3.65 -17.44 15.23
CA GLN A 334 5.01 -17.84 15.69
C GLN A 334 5.66 -16.83 16.64
N LEU A 335 5.46 -15.54 16.36
CA LEU A 335 5.92 -14.46 17.26
C LEU A 335 5.14 -14.43 18.58
N VAL A 336 3.82 -14.59 18.52
CA VAL A 336 2.97 -14.65 19.74
C VAL A 336 3.36 -15.87 20.59
N GLU A 337 3.42 -17.03 19.95
CA GLU A 337 3.91 -18.29 20.56
C GLU A 337 5.31 -18.18 21.16
N ARG A 338 6.21 -17.46 20.49
CA ARG A 338 7.59 -17.22 20.98
C ARG A 338 7.61 -16.35 22.23
N LEU A 339 6.96 -15.19 22.15
CA LEU A 339 6.95 -14.21 23.25
C LEU A 339 6.19 -14.66 24.52
N GLN A 340 5.16 -15.49 24.35
CA GLN A 340 4.47 -16.15 25.49
C GLN A 340 5.35 -17.23 26.14
N GLU A 341 6.07 -18.02 25.33
CA GLU A 341 6.99 -19.05 25.84
C GLU A 341 8.18 -18.47 26.64
N GLU A 342 8.60 -17.25 26.30
CA GLU A 342 9.53 -16.47 27.15
C GLU A 342 8.91 -16.13 28.50
N LYS A 343 7.72 -15.52 28.47
CA LYS A 343 6.99 -15.07 29.68
C LYS A 343 6.57 -16.18 30.65
N ARG A 344 6.27 -17.37 30.12
CA ARG A 344 5.99 -18.56 30.94
C ARG A 344 7.23 -19.08 31.69
N ILE A 345 8.37 -19.12 30.99
CA ILE A 345 9.67 -19.52 31.58
C ILE A 345 10.19 -18.44 32.54
N GLU A 346 10.16 -17.18 32.09
CA GLU A 346 10.61 -16.00 32.88
C GLU A 346 9.87 -15.79 34.21
N ALA A 347 8.60 -16.19 34.29
CA ALA A 347 7.81 -16.11 35.53
C ALA A 347 8.32 -17.10 36.58
N GLN A 348 8.30 -18.39 36.24
CA GLN A 348 8.74 -19.49 37.12
C GLN A 348 10.27 -19.65 37.08
N LYS A 349 10.97 -19.01 38.02
CA LYS A 349 12.45 -19.09 38.12
C LYS A 349 12.97 -18.86 39.57
N ARG A 350 12.30 -19.50 40.53
CA ARG A 350 12.62 -19.35 41.97
C ARG A 350 11.89 -20.39 42.83
N SER B 2 -2.78 10.11 -21.06
CA SER B 2 -1.75 11.04 -20.47
C SER B 2 -1.88 11.12 -18.94
N LYS B 3 -0.73 11.16 -18.25
CA LYS B 3 -0.69 11.11 -16.77
C LYS B 3 -1.11 12.41 -16.06
N LYS B 4 -0.85 13.56 -16.68
CA LYS B 4 -1.13 14.87 -16.06
C LYS B 4 -2.63 15.14 -15.82
N HIS B 5 -3.48 14.77 -16.78
CA HIS B 5 -4.94 14.96 -16.67
C HIS B 5 -5.56 13.99 -15.65
N THR B 6 -5.39 12.69 -15.92
CA THR B 6 -6.08 11.61 -15.20
C THR B 6 -5.36 11.07 -13.95
N GLY B 7 -4.02 11.16 -13.93
CA GLY B 7 -3.19 10.47 -12.93
C GLY B 7 -2.61 9.14 -13.39
N TYR B 8 -3.10 8.59 -14.52
CA TYR B 8 -2.78 7.24 -14.99
C TYR B 8 -2.28 7.29 -16.43
N VAL B 9 -1.47 6.30 -16.83
CA VAL B 9 -0.94 6.17 -18.20
C VAL B 9 -1.54 4.97 -18.93
N GLY B 10 -1.50 5.06 -20.25
CA GLY B 10 -2.01 4.04 -21.14
C GLY B 10 -0.99 2.99 -21.52
N LEU B 11 -1.42 2.05 -22.36
CA LEU B 11 -0.59 1.02 -22.98
C LEU B 11 -0.56 1.24 -24.49
N LYS B 12 0.51 0.78 -25.16
CA LYS B 12 0.73 1.09 -26.59
C LYS B 12 -0.33 0.49 -27.52
N ASN B 13 -0.68 1.25 -28.55
CA ASN B 13 -1.82 0.94 -29.43
C ASN B 13 -1.39 -0.14 -30.43
N GLN B 14 -1.83 -1.38 -30.20
CA GLN B 14 -1.64 -2.50 -31.12
C GLN B 14 -3.00 -3.17 -31.40
N GLY B 15 -3.33 -3.33 -32.69
CA GLY B 15 -4.51 -4.07 -33.13
C GLY B 15 -4.44 -5.58 -32.90
N ALA B 16 -3.23 -6.14 -33.02
CA ALA B 16 -2.97 -7.57 -32.75
C ALA B 16 -3.20 -7.95 -31.28
N THR B 17 -2.58 -7.16 -30.41
CA THR B 17 -2.81 -7.21 -28.95
C THR B 17 -4.24 -6.67 -28.65
N CYS B 18 -5.21 -7.59 -28.76
CA CYS B 18 -6.64 -7.21 -28.80
C CYS B 18 -7.18 -6.76 -27.45
N TYR B 19 -7.36 -7.72 -26.54
CA TYR B 19 -8.04 -7.49 -25.25
C TYR B 19 -7.07 -7.47 -24.06
N MET B 20 -5.75 -7.46 -24.34
CA MET B 20 -4.73 -7.56 -23.30
C MET B 20 -4.59 -6.23 -22.56
N ASN B 21 -4.45 -5.14 -23.31
CA ASN B 21 -4.43 -3.77 -22.75
C ASN B 21 -5.60 -3.46 -21.80
N SER B 22 -6.79 -3.95 -22.14
CA SER B 22 -7.97 -3.88 -21.27
C SER B 22 -7.80 -4.67 -19.97
N LEU B 23 -7.29 -5.89 -20.08
CA LEU B 23 -7.05 -6.77 -18.93
C LEU B 23 -5.89 -6.32 -18.05
N LEU B 24 -4.79 -5.87 -18.66
CA LEU B 24 -3.60 -5.43 -17.91
C LEU B 24 -3.87 -4.25 -16.97
N GLN B 25 -4.64 -3.28 -17.45
CA GLN B 25 -5.11 -2.15 -16.60
C GLN B 25 -6.00 -2.65 -15.47
N THR B 26 -6.95 -3.51 -15.80
CA THR B 26 -7.85 -4.19 -14.85
C THR B 26 -7.12 -4.93 -13.72
N LEU B 27 -6.05 -5.66 -14.08
CA LEU B 27 -5.22 -6.39 -13.11
C LEU B 27 -4.22 -5.49 -12.36
N PHE B 28 -3.72 -4.45 -13.04
CA PHE B 28 -2.83 -3.44 -12.43
C PHE B 28 -3.52 -2.68 -11.29
N PHE B 29 -4.73 -2.19 -11.53
CA PHE B 29 -5.54 -1.48 -10.51
C PHE B 29 -6.24 -2.39 -9.48
N THR B 30 -6.07 -3.70 -9.60
CA THR B 30 -6.23 -4.62 -8.47
C THR B 30 -4.93 -4.51 -7.62
N ASN B 31 -4.92 -3.50 -6.73
CA ASN B 31 -3.68 -3.07 -6.04
C ASN B 31 -3.02 -4.15 -5.18
N GLN B 32 -3.82 -4.92 -4.46
CA GLN B 32 -3.31 -6.04 -3.65
C GLN B 32 -2.58 -7.11 -4.49
N LEU B 33 -3.06 -7.36 -5.71
CA LEU B 33 -2.35 -8.22 -6.68
C LEU B 33 -1.04 -7.59 -7.14
N ARG B 34 -1.10 -6.32 -7.52
CA ARG B 34 0.07 -5.54 -7.98
C ARG B 34 1.25 -5.55 -6.98
N LYS B 35 0.93 -5.36 -5.71
CA LYS B 35 1.91 -5.45 -4.61
C LYS B 35 2.54 -6.83 -4.54
N ALA B 36 1.72 -7.87 -4.60
CA ALA B 36 2.17 -9.26 -4.64
C ALA B 36 2.99 -9.61 -5.88
N VAL B 37 2.61 -9.03 -7.03
CA VAL B 37 3.40 -9.14 -8.28
C VAL B 37 4.82 -8.58 -8.08
N TYR B 38 4.94 -7.43 -7.42
CA TYR B 38 6.25 -6.83 -7.10
C TYR B 38 7.13 -7.68 -6.15
N MET B 39 6.48 -8.37 -5.21
CA MET B 39 7.17 -9.28 -4.27
C MET B 39 7.60 -10.65 -4.80
N MET B 40 7.32 -10.97 -6.06
CA MET B 40 7.79 -12.24 -6.67
C MET B 40 9.33 -12.27 -6.79
N PRO B 41 9.97 -13.39 -6.37
CA PRO B 41 11.44 -13.47 -6.41
C PRO B 41 11.95 -13.79 -7.82
N THR B 42 12.00 -12.75 -8.65
CA THR B 42 12.35 -12.85 -10.08
C THR B 42 13.81 -12.42 -10.40
N GLU B 43 14.69 -12.37 -9.39
CA GLU B 43 16.10 -11.97 -9.59
C GLU B 43 16.90 -13.04 -10.37
N GLY B 44 16.59 -14.32 -10.15
CA GLY B 44 17.19 -15.44 -10.90
C GLY B 44 16.30 -16.00 -12.00
N ASP B 45 15.70 -15.11 -12.79
CA ASP B 45 14.86 -15.43 -13.94
C ASP B 45 15.43 -14.75 -15.19
N ASP B 46 15.13 -15.33 -16.36
CA ASP B 46 15.54 -14.76 -17.65
C ASP B 46 14.62 -13.60 -18.03
N SER B 47 15.20 -12.57 -18.67
CA SER B 47 14.47 -11.34 -19.01
C SER B 47 13.45 -11.54 -20.13
N SER B 48 13.88 -12.20 -21.21
CA SER B 48 13.03 -12.45 -22.37
C SER B 48 11.91 -13.49 -22.14
N LYS B 49 12.18 -14.50 -21.30
CA LYS B 49 11.33 -15.70 -21.16
C LYS B 49 10.34 -15.67 -19.98
N SER B 50 10.71 -15.04 -18.87
CA SER B 50 9.88 -15.03 -17.64
C SER B 50 8.62 -14.17 -17.76
N VAL B 51 7.46 -14.81 -17.63
CA VAL B 51 6.16 -14.10 -17.60
C VAL B 51 5.98 -13.28 -16.31
N PRO B 52 6.33 -13.83 -15.12
CA PRO B 52 6.38 -13.05 -13.88
C PRO B 52 7.15 -11.73 -13.93
N LEU B 53 8.36 -11.75 -14.50
CA LEU B 53 9.19 -10.54 -14.67
C LEU B 53 8.59 -9.55 -15.68
N ALA B 54 8.01 -10.06 -16.76
CA ALA B 54 7.39 -9.21 -17.79
C ALA B 54 6.16 -8.45 -17.27
N LEU B 55 5.35 -9.12 -16.44
CA LEU B 55 4.22 -8.48 -15.78
C LEU B 55 4.66 -7.48 -14.71
N GLN B 56 5.75 -7.80 -13.99
CA GLN B 56 6.43 -6.83 -13.10
C GLN B 56 6.91 -5.57 -13.84
N ARG B 57 7.45 -5.73 -15.05
CA ARG B 57 7.92 -4.61 -15.88
C ARG B 57 6.77 -3.70 -16.32
N VAL B 58 5.70 -4.30 -16.83
CA VAL B 58 4.49 -3.56 -17.26
C VAL B 58 3.88 -2.80 -16.08
N PHE B 59 3.73 -3.48 -14.94
CA PHE B 59 3.21 -2.88 -13.70
C PHE B 59 4.12 -1.77 -13.16
N TYR B 60 5.45 -1.99 -13.19
CA TYR B 60 6.42 -0.96 -12.83
C TYR B 60 6.25 0.27 -13.71
N GLU B 61 6.30 0.05 -15.03
CA GLU B 61 6.20 1.12 -16.02
C GLU B 61 4.83 1.82 -16.03
N LEU B 62 3.74 1.08 -15.82
CA LEU B 62 2.40 1.68 -15.63
C LEU B 62 2.32 2.57 -14.37
N GLN B 63 3.00 2.16 -13.31
CA GLN B 63 3.10 2.96 -12.08
C GLN B 63 3.97 4.23 -12.22
N HIS B 64 5.06 4.13 -12.98
CA HIS B 64 6.13 5.16 -13.03
C HIS B 64 6.21 6.05 -14.28
N SER B 65 5.96 5.49 -15.46
CA SER B 65 6.12 6.23 -16.73
C SER B 65 5.09 7.36 -16.88
N ASP B 66 5.51 8.43 -17.57
CA ASP B 66 4.62 9.49 -18.07
C ASP B 66 4.11 9.19 -19.48
N LYS B 67 5.00 8.64 -20.32
CA LYS B 67 4.66 8.15 -21.67
C LYS B 67 3.95 6.78 -21.62
N PRO B 68 3.29 6.35 -22.73
CA PRO B 68 2.65 5.02 -22.78
C PRO B 68 3.62 3.82 -22.69
N VAL B 69 3.12 2.72 -22.12
CA VAL B 69 3.93 1.58 -21.69
C VAL B 69 3.85 0.44 -22.70
N GLY B 70 5.00 -0.12 -23.06
CA GLY B 70 5.10 -1.21 -24.04
C GLY B 70 4.71 -2.57 -23.49
N THR B 71 4.22 -3.44 -24.38
CA THR B 71 3.79 -4.80 -24.07
C THR B 71 4.50 -5.91 -24.89
N LYS B 72 5.54 -5.55 -25.65
CA LYS B 72 6.21 -6.50 -26.58
C LYS B 72 6.97 -7.61 -25.85
N LYS B 73 7.65 -7.24 -24.75
CA LYS B 73 8.36 -8.22 -23.91
C LYS B 73 7.40 -9.21 -23.22
N LEU B 74 6.21 -8.73 -22.85
CA LEU B 74 5.17 -9.56 -22.22
C LEU B 74 4.52 -10.55 -23.19
N THR B 75 4.24 -10.12 -24.42
CA THR B 75 3.74 -11.02 -25.48
C THR B 75 4.73 -12.14 -25.81
N LYS B 76 6.01 -11.78 -25.95
CA LYS B 76 7.08 -12.75 -26.25
C LYS B 76 7.34 -13.79 -25.14
N SER B 77 7.02 -13.48 -23.88
CA SER B 77 7.25 -14.39 -22.74
C SER B 77 6.35 -15.64 -22.75
N PHE B 78 5.05 -15.47 -23.04
CA PHE B 78 4.10 -16.60 -23.18
C PHE B 78 3.68 -16.94 -24.64
N GLY B 79 4.45 -16.47 -25.62
CA GLY B 79 4.32 -16.93 -27.02
C GLY B 79 3.12 -16.50 -27.86
N TRP B 80 2.31 -15.57 -27.36
CA TRP B 80 1.09 -15.08 -28.05
C TRP B 80 1.45 -13.77 -28.76
N GLU B 81 2.30 -13.88 -29.78
CA GLU B 81 2.88 -12.71 -30.48
C GLU B 81 1.98 -12.24 -31.64
N THR B 82 1.53 -13.18 -32.47
CA THR B 82 0.66 -12.89 -33.62
C THR B 82 -0.79 -12.55 -33.22
N LEU B 83 -1.55 -12.03 -34.19
CA LEU B 83 -2.97 -11.70 -34.00
C LEU B 83 -3.88 -12.93 -33.84
N ASP B 84 -3.63 -13.96 -34.64
CA ASP B 84 -4.40 -15.24 -34.60
C ASP B 84 -4.33 -16.00 -33.27
N SER B 85 -3.21 -15.85 -32.54
CA SER B 85 -3.04 -16.41 -31.19
C SER B 85 -3.97 -15.76 -30.14
N PHE B 86 -4.12 -14.43 -30.22
CA PHE B 86 -5.12 -13.69 -29.42
C PHE B 86 -6.57 -14.02 -29.77
N MET B 87 -6.85 -14.16 -31.08
CA MET B 87 -8.21 -14.44 -31.57
C MET B 87 -8.77 -15.79 -31.15
N GLN B 88 -7.93 -16.83 -31.18
CA GLN B 88 -8.35 -18.20 -30.80
C GLN B 88 -8.82 -18.33 -29.34
N HIS B 89 -8.09 -17.68 -28.42
CA HIS B 89 -8.43 -17.66 -26.99
C HIS B 89 -9.37 -16.51 -26.63
N ASP B 90 -9.94 -16.58 -25.43
CA ASP B 90 -10.81 -15.54 -24.84
C ASP B 90 -10.11 -14.83 -23.68
N VAL B 91 -10.76 -13.79 -23.14
CA VAL B 91 -10.19 -12.97 -22.05
C VAL B 91 -9.96 -13.75 -20.74
N GLN B 92 -10.90 -14.63 -20.38
CA GLN B 92 -10.74 -15.52 -19.21
C GLN B 92 -9.59 -16.52 -19.32
N GLU B 93 -9.29 -16.97 -20.55
CA GLU B 93 -8.16 -17.86 -20.82
C GLU B 93 -6.83 -17.11 -20.68
N LEU B 94 -6.77 -15.88 -21.19
CA LEU B 94 -5.62 -14.97 -20.97
C LEU B 94 -5.40 -14.67 -19.49
N CYS B 95 -6.48 -14.32 -18.80
CA CYS B 95 -6.49 -14.12 -17.35
C CYS B 95 -5.99 -15.35 -16.57
N ARG B 96 -6.38 -16.54 -17.02
CA ARG B 96 -5.88 -17.80 -16.45
C ARG B 96 -4.39 -18.06 -16.75
N VAL B 97 -3.93 -17.71 -17.95
CA VAL B 97 -2.50 -17.82 -18.32
C VAL B 97 -1.59 -16.90 -17.48
N LEU B 98 -2.02 -15.65 -17.28
CA LEU B 98 -1.26 -14.68 -16.46
C LEU B 98 -1.24 -15.07 -14.98
N LEU B 99 -2.42 -15.27 -14.41
CA LEU B 99 -2.57 -15.53 -12.97
C LEU B 99 -2.02 -16.87 -12.47
N ASP B 100 -2.03 -17.92 -13.32
CA ASP B 100 -1.38 -19.21 -12.99
C ASP B 100 0.14 -19.08 -12.87
N ASN B 101 0.77 -18.37 -13.82
CA ASN B 101 2.21 -18.05 -13.77
C ASN B 101 2.59 -17.26 -12.50
N VAL B 102 1.79 -16.25 -12.18
CA VAL B 102 1.97 -15.43 -10.98
C VAL B 102 1.78 -16.26 -9.72
N GLU B 103 0.77 -17.15 -9.69
CA GLU B 103 0.51 -17.98 -8.50
C GLU B 103 1.62 -19.01 -8.24
N ASN B 104 2.08 -19.69 -9.30
CA ASN B 104 3.15 -20.68 -9.18
C ASN B 104 4.48 -20.06 -8.76
N LYS B 105 4.78 -18.86 -9.27
CA LYS B 105 5.95 -18.09 -8.85
C LYS B 105 5.90 -17.60 -7.39
N MET B 106 4.70 -17.23 -6.93
CA MET B 106 4.46 -16.84 -5.53
C MET B 106 4.48 -17.99 -4.50
N LYS B 107 4.46 -19.26 -4.95
CA LYS B 107 4.58 -20.41 -4.04
C LYS B 107 5.96 -20.48 -3.37
N GLY B 108 5.97 -20.90 -2.11
CA GLY B 108 7.15 -20.83 -1.26
C GLY B 108 7.66 -19.43 -0.90
N THR B 109 6.79 -18.43 -0.97
CA THR B 109 7.15 -17.02 -0.66
C THR B 109 6.15 -16.39 0.29
N CYS B 110 6.54 -15.23 0.86
CA CYS B 110 5.70 -14.46 1.79
C CYS B 110 4.30 -14.09 1.27
N VAL B 111 4.19 -13.92 -0.06
CA VAL B 111 2.93 -13.56 -0.72
C VAL B 111 2.28 -14.75 -1.48
N GLU B 112 2.39 -15.94 -0.90
CA GLU B 112 1.77 -17.16 -1.44
C GLU B 112 0.26 -17.14 -1.16
N GLY B 113 -0.49 -17.74 -2.08
CA GLY B 113 -1.95 -17.81 -2.00
C GLY B 113 -2.68 -16.49 -2.21
N THR B 114 -2.05 -15.52 -2.87
CA THR B 114 -2.67 -14.21 -3.14
C THR B 114 -3.73 -14.30 -4.25
N ILE B 115 -3.47 -15.08 -5.30
CA ILE B 115 -4.42 -15.28 -6.40
C ILE B 115 -5.73 -15.93 -5.88
N PRO B 116 -5.64 -17.11 -5.21
CA PRO B 116 -6.87 -17.66 -4.62
C PRO B 116 -7.53 -16.83 -3.50
N LYS B 117 -6.73 -16.05 -2.74
CA LYS B 117 -7.28 -15.10 -1.77
C LYS B 117 -8.20 -14.06 -2.42
N LEU B 118 -7.77 -13.51 -3.55
CA LEU B 118 -8.50 -12.47 -4.28
C LEU B 118 -9.58 -13.02 -5.22
N PHE B 119 -9.26 -14.09 -5.95
CA PHE B 119 -10.05 -14.55 -7.12
C PHE B 119 -10.83 -15.88 -6.99
N ARG B 120 -10.37 -16.81 -6.15
CA ARG B 120 -10.97 -18.16 -6.04
C ARG B 120 -12.20 -18.18 -5.13
N GLY B 121 -13.36 -18.46 -5.72
CA GLY B 121 -14.58 -18.83 -4.98
C GLY B 121 -14.86 -20.32 -5.11
N LYS B 122 -15.97 -20.77 -4.51
CA LYS B 122 -16.34 -22.20 -4.46
C LYS B 122 -17.83 -22.40 -4.79
N MET B 123 -18.13 -23.49 -5.51
CA MET B 123 -19.51 -23.89 -5.83
C MET B 123 -19.70 -25.40 -5.83
N VAL B 124 -20.96 -25.82 -5.76
CA VAL B 124 -21.38 -27.23 -5.83
C VAL B 124 -22.24 -27.38 -7.07
N SER B 125 -21.79 -28.19 -8.03
CA SER B 125 -22.62 -28.68 -9.14
C SER B 125 -23.19 -30.02 -8.70
N TYR B 126 -24.52 -30.14 -8.74
CA TYR B 126 -25.24 -31.34 -8.28
C TYR B 126 -26.17 -31.92 -9.36
N ILE B 127 -26.35 -33.25 -9.32
CA ILE B 127 -27.37 -33.95 -10.13
C ILE B 127 -28.13 -34.87 -9.16
N GLN B 128 -29.43 -34.59 -8.96
CA GLN B 128 -30.33 -35.40 -8.13
C GLN B 128 -31.35 -36.10 -9.03
N CYS B 129 -31.42 -37.43 -8.95
CA CYS B 129 -32.48 -38.22 -9.58
C CYS B 129 -33.80 -38.01 -8.80
N LYS B 130 -34.91 -37.91 -9.52
CA LYS B 130 -36.23 -37.64 -8.91
C LYS B 130 -36.82 -38.88 -8.25
N GLU B 131 -36.95 -39.97 -9.01
CA GLU B 131 -37.65 -41.21 -8.57
C GLU B 131 -36.79 -42.33 -7.93
N VAL B 132 -35.46 -42.20 -7.95
CA VAL B 132 -34.52 -43.18 -7.34
C VAL B 132 -33.52 -42.42 -6.46
N ASP B 133 -33.08 -43.07 -5.37
CA ASP B 133 -32.11 -42.50 -4.44
C ASP B 133 -30.70 -42.57 -5.03
N TYR B 134 -30.35 -41.54 -5.79
CA TYR B 134 -28.99 -41.32 -6.29
C TYR B 134 -28.75 -39.82 -6.44
N ARG B 135 -27.70 -39.32 -5.76
CA ARG B 135 -27.23 -37.94 -5.89
C ARG B 135 -25.73 -37.95 -6.22
N SER B 136 -25.31 -37.00 -7.06
CA SER B 136 -23.91 -36.84 -7.49
C SER B 136 -23.53 -35.38 -7.31
N ASP B 137 -22.54 -35.12 -6.44
CA ASP B 137 -22.01 -33.78 -6.16
C ASP B 137 -20.58 -33.64 -6.65
N ARG B 138 -20.22 -32.42 -7.05
CA ARG B 138 -18.81 -32.03 -7.26
C ARG B 138 -18.60 -30.64 -6.64
N ARG B 139 -17.70 -30.56 -5.66
CA ARG B 139 -17.22 -29.26 -5.15
C ARG B 139 -16.16 -28.75 -6.15
N GLU B 140 -16.45 -27.62 -6.81
CA GLU B 140 -15.55 -27.00 -7.79
C GLU B 140 -15.07 -25.65 -7.27
N ASP B 141 -13.78 -25.36 -7.48
CA ASP B 141 -13.25 -23.98 -7.42
C ASP B 141 -13.54 -23.27 -8.74
N TYR B 142 -13.61 -21.94 -8.67
CA TYR B 142 -13.70 -21.09 -9.86
C TYR B 142 -12.94 -19.78 -9.63
N TYR B 143 -12.24 -19.32 -10.65
CA TYR B 143 -11.55 -18.01 -10.65
C TYR B 143 -12.29 -16.92 -11.43
N ASP B 144 -13.09 -17.32 -12.44
CA ASP B 144 -14.04 -16.45 -13.14
C ASP B 144 -15.44 -17.10 -13.21
N ILE B 145 -16.42 -16.31 -13.66
CA ILE B 145 -17.79 -16.78 -13.96
C ILE B 145 -18.18 -16.28 -15.37
N GLN B 146 -18.81 -17.17 -16.15
CA GLN B 146 -19.36 -16.86 -17.47
C GLN B 146 -20.88 -16.84 -17.35
N LEU B 147 -21.47 -15.64 -17.37
CA LEU B 147 -22.92 -15.45 -17.23
C LEU B 147 -23.62 -15.39 -18.60
N SER B 148 -24.79 -16.02 -18.68
CA SER B 148 -25.66 -15.92 -19.87
C SER B 148 -26.38 -14.56 -19.87
N ILE B 149 -26.51 -13.95 -21.05
CA ILE B 149 -27.24 -12.67 -21.24
C ILE B 149 -28.41 -12.67 -22.25
N LYS B 150 -28.55 -13.73 -23.07
CA LYS B 150 -29.62 -13.80 -24.08
C LYS B 150 -30.97 -14.01 -23.40
N GLY B 151 -31.89 -13.08 -23.65
CA GLY B 151 -33.17 -13.03 -22.93
C GLY B 151 -33.10 -12.66 -21.45
N LYS B 152 -31.98 -12.06 -21.02
CA LYS B 152 -31.75 -11.63 -19.63
C LYS B 152 -31.63 -10.10 -19.64
N LYS B 153 -32.45 -9.43 -18.84
CA LYS B 153 -32.42 -7.96 -18.70
C LYS B 153 -31.20 -7.44 -17.93
N ASN B 154 -30.77 -8.17 -16.90
CA ASN B 154 -29.70 -7.71 -15.98
C ASN B 154 -28.90 -8.84 -15.32
N ILE B 155 -27.87 -8.47 -14.54
CA ILE B 155 -27.00 -9.40 -13.79
C ILE B 155 -27.78 -10.29 -12.82
N PHE B 156 -28.73 -9.70 -12.09
CA PHE B 156 -29.61 -10.44 -11.16
C PHE B 156 -30.33 -11.60 -11.88
N GLU B 157 -30.94 -11.30 -13.03
CA GLU B 157 -31.57 -12.33 -13.88
C GLU B 157 -30.60 -13.40 -14.42
N SER B 158 -29.37 -12.98 -14.75
CA SER B 158 -28.30 -13.92 -15.16
C SER B 158 -27.78 -14.83 -14.05
N PHE B 159 -27.68 -14.31 -12.83
CA PHE B 159 -27.36 -15.12 -11.63
C PHE B 159 -28.49 -16.07 -11.24
N VAL B 160 -29.76 -15.64 -11.43
CA VAL B 160 -30.93 -16.52 -11.28
C VAL B 160 -30.85 -17.69 -12.27
N ASP B 161 -30.61 -17.38 -13.54
CA ASP B 161 -30.45 -18.39 -14.60
C ASP B 161 -29.24 -19.30 -14.40
N TYR B 162 -28.15 -18.76 -13.82
CA TYR B 162 -26.97 -19.56 -13.47
C TYR B 162 -27.31 -20.67 -12.46
N VAL B 163 -27.99 -20.28 -11.37
CA VAL B 163 -28.41 -21.21 -10.29
C VAL B 163 -29.78 -21.91 -10.51
N ALA B 164 -30.44 -21.70 -11.66
CA ALA B 164 -31.75 -22.29 -11.95
C ALA B 164 -31.63 -23.80 -12.17
N VAL B 165 -32.62 -24.54 -11.68
CA VAL B 165 -32.62 -26.01 -11.74
C VAL B 165 -33.12 -26.43 -13.13
N GLU B 166 -32.22 -27.01 -13.93
CA GLU B 166 -32.56 -27.60 -15.23
C GLU B 166 -33.14 -28.99 -15.00
N GLN B 167 -34.23 -29.30 -15.71
CA GLN B 167 -34.87 -30.62 -15.68
C GLN B 167 -34.32 -31.48 -16.81
N LEU B 168 -34.18 -32.78 -16.53
CA LEU B 168 -33.66 -33.77 -17.47
C LEU B 168 -34.77 -34.81 -17.69
N ASP B 169 -35.52 -34.63 -18.79
CA ASP B 169 -36.72 -35.44 -19.11
C ASP B 169 -36.78 -35.86 -20.59
N GLY B 170 -37.48 -36.97 -20.84
CA GLY B 170 -37.82 -37.41 -22.20
C GLY B 170 -36.62 -37.87 -23.01
N ASP B 171 -36.10 -36.97 -23.84
CA ASP B 171 -34.93 -37.26 -24.70
C ASP B 171 -33.66 -37.21 -23.86
N ASN B 172 -33.45 -36.07 -23.20
CA ASN B 172 -32.27 -35.82 -22.37
C ASN B 172 -32.54 -36.21 -20.91
N LYS B 173 -32.62 -37.52 -20.66
CA LYS B 173 -32.71 -38.09 -19.30
C LYS B 173 -31.32 -38.46 -18.81
N TYR B 174 -31.10 -38.40 -17.50
CA TYR B 174 -29.79 -38.67 -16.89
C TYR B 174 -29.44 -40.16 -16.93
N ASP B 175 -28.25 -40.48 -17.49
CA ASP B 175 -27.69 -41.83 -17.45
C ASP B 175 -27.14 -42.06 -16.03
N ALA B 176 -27.88 -42.83 -15.23
CA ALA B 176 -27.47 -43.24 -13.87
C ALA B 176 -26.69 -44.58 -13.80
N GLY B 177 -26.32 -45.16 -14.95
CA GLY B 177 -25.46 -46.33 -15.01
C GLY B 177 -26.18 -47.60 -14.61
N GLU B 178 -26.05 -47.95 -13.33
CA GLU B 178 -26.67 -49.16 -12.77
C GLU B 178 -28.20 -49.02 -12.64
N HIS B 179 -28.64 -47.86 -12.15
CA HIS B 179 -30.07 -47.53 -12.07
C HIS B 179 -30.73 -47.29 -13.46
N GLY B 180 -29.92 -46.86 -14.44
CA GLY B 180 -30.36 -46.71 -15.84
C GLY B 180 -30.66 -45.28 -16.24
N LEU B 181 -31.41 -45.13 -17.34
CA LEU B 181 -31.82 -43.80 -17.84
C LEU B 181 -32.95 -43.26 -16.94
N GLN B 182 -32.59 -42.29 -16.09
CA GLN B 182 -33.47 -41.74 -15.05
C GLN B 182 -33.80 -40.27 -15.28
N GLU B 183 -35.00 -39.86 -14.88
CA GLU B 183 -35.39 -38.45 -14.81
C GLU B 183 -34.68 -37.80 -13.62
N ALA B 184 -34.18 -36.59 -13.80
CA ALA B 184 -33.31 -35.93 -12.81
C ALA B 184 -33.30 -34.40 -12.91
N GLU B 185 -32.77 -33.78 -11.85
CA GLU B 185 -32.65 -32.32 -11.72
C GLU B 185 -31.17 -31.94 -11.62
N LYS B 186 -30.69 -31.17 -12.61
CA LYS B 186 -29.32 -30.61 -12.63
C LYS B 186 -29.36 -29.14 -12.19
N GLY B 187 -28.41 -28.75 -11.35
CA GLY B 187 -28.28 -27.36 -10.88
C GLY B 187 -26.92 -27.04 -10.31
N VAL B 188 -26.70 -25.76 -10.00
CA VAL B 188 -25.45 -25.26 -9.39
C VAL B 188 -25.79 -24.33 -8.22
N LYS B 189 -24.93 -24.35 -7.18
CA LYS B 189 -25.10 -23.57 -5.95
C LYS B 189 -23.76 -22.93 -5.56
N PHE B 190 -23.74 -21.60 -5.41
CA PHE B 190 -22.54 -20.88 -4.93
C PHE B 190 -22.37 -21.07 -3.43
N LEU B 191 -21.18 -21.52 -3.01
CA LEU B 191 -20.82 -21.67 -1.59
C LEU B 191 -20.23 -20.36 -1.08
N THR B 192 -19.25 -19.82 -1.80
CA THR B 192 -18.63 -18.52 -1.50
C THR B 192 -18.31 -17.71 -2.76
N LEU B 193 -18.36 -16.38 -2.62
CA LEU B 193 -18.00 -15.42 -3.68
C LEU B 193 -16.69 -14.73 -3.27
N PRO B 194 -15.70 -14.65 -4.19
CA PRO B 194 -14.38 -14.13 -3.82
C PRO B 194 -14.32 -12.59 -3.75
N PRO B 195 -13.28 -12.00 -3.12
CA PRO B 195 -13.12 -10.53 -3.04
C PRO B 195 -13.19 -9.79 -4.38
N VAL B 196 -12.43 -10.27 -5.36
CA VAL B 196 -12.41 -9.73 -6.73
C VAL B 196 -13.18 -10.72 -7.60
N LEU B 197 -14.29 -10.26 -8.17
CA LEU B 197 -15.25 -11.09 -8.90
C LEU B 197 -15.19 -10.75 -10.39
N HIS B 198 -14.50 -11.61 -11.16
CA HIS B 198 -14.45 -11.50 -12.62
C HIS B 198 -15.68 -12.18 -13.24
N LEU B 199 -16.54 -11.37 -13.85
CA LEU B 199 -17.77 -11.84 -14.50
C LEU B 199 -17.66 -11.55 -15.99
N GLN B 200 -17.52 -12.60 -16.79
CA GLN B 200 -17.65 -12.50 -18.25
C GLN B 200 -19.10 -12.72 -18.66
N LEU B 201 -19.52 -12.04 -19.72
CA LEU B 201 -20.89 -12.06 -20.23
C LEU B 201 -20.88 -12.76 -21.59
N MET B 202 -21.79 -13.73 -21.76
CA MET B 202 -21.81 -14.60 -22.94
C MET B 202 -22.41 -13.87 -24.14
N ARG B 203 -21.54 -13.09 -24.80
CA ARG B 203 -21.89 -12.35 -26.03
C ARG B 203 -21.93 -13.21 -27.31
N PHE B 204 -21.42 -14.46 -27.25
CA PHE B 204 -21.55 -15.45 -28.33
C PHE B 204 -22.27 -16.72 -27.88
N MET B 205 -23.10 -17.28 -28.78
CA MET B 205 -23.74 -18.59 -28.55
C MET B 205 -23.82 -19.42 -29.84
N TYR B 206 -23.76 -20.74 -29.65
CA TYR B 206 -23.79 -21.71 -30.76
C TYR B 206 -25.22 -22.22 -30.92
N ASP B 207 -25.77 -22.12 -32.14
CA ASP B 207 -26.98 -22.90 -32.58
C ASP B 207 -28.37 -22.59 -31.90
N PRO B 208 -28.99 -21.43 -32.23
CA PRO B 208 -30.35 -21.08 -31.80
C PRO B 208 -31.37 -21.34 -32.92
N GLN B 209 -31.67 -22.62 -33.14
CA GLN B 209 -32.48 -23.11 -34.29
C GLN B 209 -31.83 -22.89 -35.69
N THR B 210 -30.51 -22.71 -35.70
CA THR B 210 -29.69 -22.41 -36.89
C THR B 210 -28.66 -23.57 -37.03
N ASP B 211 -27.45 -23.30 -37.54
CA ASP B 211 -26.29 -24.20 -37.36
C ASP B 211 -24.93 -23.46 -37.41
N GLN B 212 -24.91 -22.26 -36.81
CA GLN B 212 -23.74 -21.36 -36.82
C GLN B 212 -23.76 -20.38 -35.65
N ASN B 213 -22.58 -19.98 -35.19
CA ASN B 213 -22.44 -19.02 -34.08
C ASN B 213 -22.78 -17.58 -34.51
N ILE B 214 -23.27 -16.79 -33.56
CA ILE B 214 -23.60 -15.37 -33.77
C ILE B 214 -23.24 -14.52 -32.53
N LYS B 215 -22.88 -13.26 -32.76
CA LYS B 215 -22.74 -12.26 -31.68
C LYS B 215 -24.10 -11.81 -31.19
N ILE B 216 -24.16 -11.43 -29.90
CA ILE B 216 -25.36 -10.93 -29.22
C ILE B 216 -25.12 -9.44 -28.93
N ASN B 217 -25.86 -8.57 -29.62
CA ASN B 217 -25.78 -7.09 -29.44
C ASN B 217 -26.89 -6.53 -28.53
N ASP B 218 -27.49 -7.38 -27.69
CA ASP B 218 -28.66 -7.00 -26.87
C ASP B 218 -28.26 -6.11 -25.70
N ARG B 219 -29.21 -5.29 -25.27
CA ARG B 219 -29.05 -4.43 -24.08
C ARG B 219 -29.02 -5.31 -22.84
N PHE B 220 -27.91 -5.23 -22.10
CA PHE B 220 -27.74 -5.92 -20.82
C PHE B 220 -27.31 -4.91 -19.75
N GLU B 221 -28.07 -4.86 -18.65
CA GLU B 221 -27.85 -3.91 -17.55
C GLU B 221 -27.01 -4.53 -16.44
N PHE B 222 -26.24 -3.68 -15.75
CA PHE B 222 -25.42 -4.07 -14.61
C PHE B 222 -25.25 -2.88 -13.65
N PRO B 223 -25.46 -3.09 -12.33
CA PRO B 223 -25.49 -1.96 -11.40
C PRO B 223 -24.12 -1.60 -10.83
N GLU B 224 -24.04 -0.43 -10.21
CA GLU B 224 -22.85 0.01 -9.47
C GLU B 224 -22.65 -0.85 -8.23
N GLN B 225 -23.73 -1.03 -7.46
CA GLN B 225 -23.76 -1.89 -6.28
C GLN B 225 -24.55 -3.16 -6.59
N LEU B 226 -23.96 -4.31 -6.27
CA LEU B 226 -24.47 -5.64 -6.66
C LEU B 226 -24.59 -6.55 -5.43
N PRO B 227 -25.78 -6.63 -4.80
CA PRO B 227 -26.00 -7.63 -3.72
C PRO B 227 -26.18 -9.04 -4.26
N LEU B 228 -25.53 -10.03 -3.64
CA LEU B 228 -25.57 -11.44 -4.07
C LEU B 228 -25.74 -12.48 -2.92
N ASP B 229 -26.33 -12.07 -1.79
CA ASP B 229 -26.57 -12.98 -0.64
C ASP B 229 -27.58 -14.08 -0.95
N GLU B 230 -28.66 -13.71 -1.66
CA GLU B 230 -29.69 -14.66 -2.11
C GLU B 230 -29.19 -15.79 -3.02
N PHE B 231 -28.08 -15.56 -3.74
CA PHE B 231 -27.41 -16.59 -4.55
C PHE B 231 -26.42 -17.49 -3.80
N LEU B 232 -25.99 -17.09 -2.60
CA LEU B 232 -25.25 -17.97 -1.68
C LEU B 232 -26.20 -18.85 -0.87
N GLN B 233 -25.70 -20.02 -0.44
CA GLN B 233 -26.48 -20.97 0.36
C GLN B 233 -26.56 -20.51 1.82
N LYS B 234 -25.39 -20.37 2.45
CA LYS B 234 -25.26 -19.89 3.83
C LYS B 234 -24.65 -18.49 3.81
N THR B 235 -25.46 -17.48 4.13
CA THR B 235 -25.02 -16.08 4.19
C THR B 235 -24.26 -15.80 5.49
N ASP B 236 -23.64 -14.63 5.55
CA ASP B 236 -22.94 -14.13 6.74
C ASP B 236 -23.49 -12.71 7.02
N PRO B 237 -24.12 -12.48 8.19
CA PRO B 237 -24.56 -11.10 8.54
C PRO B 237 -23.40 -10.13 8.85
N LYS B 238 -22.32 -10.65 9.44
CA LYS B 238 -21.08 -9.87 9.65
C LYS B 238 -20.36 -9.44 8.36
N ASP B 239 -20.52 -10.20 7.27
CA ASP B 239 -19.90 -9.93 5.97
C ASP B 239 -20.91 -10.22 4.83
N PRO B 240 -21.79 -9.24 4.51
CA PRO B 240 -22.66 -9.36 3.35
C PRO B 240 -21.92 -9.40 2.01
N ALA B 241 -22.55 -10.01 1.01
CA ALA B 241 -21.99 -10.17 -0.34
C ALA B 241 -22.45 -9.02 -1.24
N ASN B 242 -22.07 -7.81 -0.83
CA ASN B 242 -22.34 -6.58 -1.57
C ASN B 242 -21.07 -6.24 -2.34
N TYR B 243 -21.24 -5.98 -3.64
CA TYR B 243 -20.13 -5.83 -4.58
C TYR B 243 -20.21 -4.49 -5.30
N ILE B 244 -19.11 -3.73 -5.25
CA ILE B 244 -18.97 -2.44 -5.94
C ILE B 244 -18.38 -2.72 -7.33
N LEU B 245 -18.92 -2.05 -8.35
CA LEU B 245 -18.42 -2.17 -9.72
C LEU B 245 -17.08 -1.45 -9.85
N HIS B 246 -16.10 -2.16 -10.41
CA HIS B 246 -14.70 -1.68 -10.51
C HIS B 246 -14.25 -1.40 -11.95
N ALA B 247 -14.47 -2.37 -12.84
CA ALA B 247 -14.10 -2.25 -14.25
C ALA B 247 -15.19 -2.78 -15.19
N VAL B 248 -15.20 -2.23 -16.41
CA VAL B 248 -16.08 -2.66 -17.51
C VAL B 248 -15.22 -2.71 -18.77
N LEU B 249 -15.02 -3.92 -19.31
CA LEU B 249 -14.27 -4.14 -20.55
C LEU B 249 -15.27 -4.17 -21.72
N VAL B 250 -15.00 -3.38 -22.76
CA VAL B 250 -15.96 -3.08 -23.84
C VAL B 250 -15.31 -3.36 -25.22
N HIS B 251 -16.13 -3.91 -26.13
CA HIS B 251 -15.77 -4.07 -27.56
C HIS B 251 -16.65 -3.17 -28.44
N SER B 252 -16.09 -2.77 -29.59
CA SER B 252 -16.82 -2.06 -30.66
C SER B 252 -16.39 -2.54 -32.04
N GLY B 253 -17.24 -2.32 -33.03
CA GLY B 253 -16.97 -2.70 -34.42
C GLY B 253 -17.14 -4.19 -34.69
N ASP B 254 -16.65 -4.62 -35.86
CA ASP B 254 -16.74 -6.03 -36.30
C ASP B 254 -15.75 -6.93 -35.55
N ASN B 255 -15.94 -8.25 -35.69
CA ASN B 255 -15.24 -9.27 -34.89
C ASN B 255 -13.78 -9.43 -35.27
N HIS B 256 -13.52 -9.68 -36.56
CA HIS B 256 -12.16 -9.82 -37.10
C HIS B 256 -11.50 -8.45 -37.23
N GLY B 257 -11.10 -7.89 -36.08
CA GLY B 257 -10.63 -6.50 -35.95
C GLY B 257 -11.35 -5.82 -34.79
N GLY B 258 -11.91 -4.64 -35.05
CA GLY B 258 -12.64 -3.85 -34.04
C GLY B 258 -11.74 -3.08 -33.08
N HIS B 259 -12.38 -2.45 -32.08
CA HIS B 259 -11.72 -1.56 -31.11
C HIS B 259 -12.00 -2.02 -29.68
N TYR B 260 -10.98 -1.92 -28.81
CA TYR B 260 -10.98 -2.53 -27.47
C TYR B 260 -10.67 -1.50 -26.36
N VAL B 261 -11.69 -1.17 -25.57
CA VAL B 261 -11.62 -0.18 -24.48
C VAL B 261 -11.91 -0.88 -23.16
N VAL B 262 -11.33 -0.35 -22.07
CA VAL B 262 -11.77 -0.67 -20.69
C VAL B 262 -12.07 0.63 -19.93
N TYR B 263 -13.19 0.61 -19.21
CA TYR B 263 -13.56 1.65 -18.26
C TYR B 263 -13.20 1.15 -16.86
N LEU B 264 -12.79 2.08 -15.99
CA LEU B 264 -12.22 1.75 -14.68
C LEU B 264 -12.49 2.81 -13.62
N ASN B 265 -12.52 2.35 -12.37
CA ASN B 265 -12.93 3.12 -11.19
C ASN B 265 -11.85 2.82 -10.12
N PRO B 266 -10.58 3.19 -10.42
CA PRO B 266 -9.40 2.58 -9.75
C PRO B 266 -9.34 2.62 -8.22
N LYS B 267 -9.90 3.67 -7.61
CA LYS B 267 -9.97 3.80 -6.14
C LYS B 267 -11.29 3.26 -5.53
N GLY B 268 -12.22 2.75 -6.35
CA GLY B 268 -13.55 2.36 -5.90
C GLY B 268 -14.43 3.49 -5.39
N ASP B 269 -14.23 4.69 -5.94
CA ASP B 269 -14.80 5.94 -5.41
C ASP B 269 -15.76 6.67 -6.37
N GLY B 270 -16.26 5.98 -7.39
CA GLY B 270 -17.10 6.56 -8.43
C GLY B 270 -16.46 7.52 -9.42
N LYS B 271 -15.14 7.68 -9.38
CA LYS B 271 -14.40 8.60 -10.26
C LYS B 271 -13.90 7.74 -11.42
N TRP B 272 -14.66 7.75 -12.52
CA TRP B 272 -14.39 6.87 -13.68
C TRP B 272 -13.40 7.47 -14.70
N CYS B 273 -12.67 6.57 -15.36
CA CYS B 273 -11.76 6.90 -16.48
C CYS B 273 -11.91 5.87 -17.60
N LYS B 274 -11.78 6.35 -18.85
CA LYS B 274 -11.76 5.52 -20.04
C LYS B 274 -10.29 5.27 -20.39
N PHE B 275 -9.92 3.99 -20.59
CA PHE B 275 -8.55 3.59 -20.99
C PHE B 275 -8.56 3.08 -22.43
N ASP B 276 -8.46 4.02 -23.38
CA ASP B 276 -8.49 3.74 -24.82
C ASP B 276 -7.05 3.58 -25.34
N ASP B 277 -6.48 2.40 -25.04
CA ASP B 277 -5.05 2.10 -25.24
C ASP B 277 -4.13 3.19 -24.65
N ASP B 278 -3.53 4.05 -25.48
CA ASP B 278 -2.54 5.04 -25.01
C ASP B 278 -3.20 6.27 -24.38
N VAL B 279 -4.37 6.67 -24.89
CA VAL B 279 -5.12 7.83 -24.39
C VAL B 279 -5.97 7.38 -23.20
N VAL B 280 -5.53 7.75 -21.98
CA VAL B 280 -6.35 7.65 -20.77
C VAL B 280 -7.01 9.01 -20.55
N SER B 281 -8.33 9.01 -20.43
CA SER B 281 -9.13 10.23 -20.17
C SER B 281 -10.19 9.99 -19.09
N ARG B 282 -10.59 11.06 -18.42
CA ARG B 282 -11.70 11.02 -17.46
C ARG B 282 -13.04 10.87 -18.18
N CYS B 283 -14.01 10.30 -17.45
CA CYS B 283 -15.38 10.14 -17.94
C CYS B 283 -16.38 10.03 -16.80
N THR B 284 -17.66 10.09 -17.16
CA THR B 284 -18.77 10.02 -16.21
C THR B 284 -19.03 8.57 -15.76
N LYS B 285 -19.84 8.41 -14.71
CA LYS B 285 -20.45 7.10 -14.36
C LYS B 285 -21.30 6.53 -15.52
N GLU B 286 -22.00 7.42 -16.22
CA GLU B 286 -22.98 7.06 -17.23
C GLU B 286 -22.34 6.58 -18.53
N GLU B 287 -21.21 7.18 -18.91
CA GLU B 287 -20.40 6.67 -20.04
C GLU B 287 -19.80 5.28 -19.77
N ALA B 288 -19.40 5.03 -18.52
CA ALA B 288 -18.83 3.74 -18.10
C ALA B 288 -19.89 2.67 -17.89
N ILE B 289 -20.87 2.99 -17.04
CA ILE B 289 -21.95 2.05 -16.67
C ILE B 289 -23.03 2.06 -17.76
N GLU B 290 -23.87 3.11 -17.77
CA GLU B 290 -25.15 3.12 -18.50
C GLU B 290 -25.02 2.95 -20.02
N HIS B 291 -24.13 3.73 -20.62
CA HIS B 291 -23.92 3.74 -22.09
C HIS B 291 -23.32 2.48 -22.69
N ASN B 292 -22.69 1.62 -21.88
CA ASN B 292 -22.12 0.33 -22.33
C ASN B 292 -23.07 -0.86 -22.06
N TYR B 293 -24.34 -0.72 -22.45
CA TYR B 293 -25.35 -1.79 -22.34
C TYR B 293 -25.63 -2.36 -23.74
N GLY B 294 -26.19 -1.52 -24.62
CA GLY B 294 -26.58 -1.94 -25.97
C GLY B 294 -27.64 -1.05 -26.62
N CYS B 305 -23.42 -3.02 -31.78
CA CYS B 305 -22.50 -1.93 -32.11
C CYS B 305 -21.41 -1.75 -31.06
N THR B 306 -21.83 -1.56 -29.80
CA THR B 306 -20.96 -1.50 -28.62
C THR B 306 -21.53 -2.41 -27.53
N ASN B 307 -20.68 -3.27 -26.96
CA ASN B 307 -21.10 -4.31 -26.00
C ASN B 307 -20.04 -4.53 -24.92
N ALA B 308 -20.43 -4.44 -23.65
CA ALA B 308 -19.59 -4.83 -22.53
C ALA B 308 -19.53 -6.35 -22.47
N TYR B 309 -18.32 -6.93 -22.43
CA TYR B 309 -18.09 -8.39 -22.44
C TYR B 309 -17.56 -8.98 -21.13
N MET B 310 -16.79 -8.21 -20.37
CA MET B 310 -16.37 -8.59 -19.01
C MET B 310 -16.62 -7.42 -18.06
N LEU B 311 -16.98 -7.76 -16.81
CA LEU B 311 -17.16 -6.82 -15.71
C LEU B 311 -16.40 -7.33 -14.49
N VAL B 312 -15.80 -6.41 -13.74
CA VAL B 312 -15.10 -6.73 -12.49
C VAL B 312 -15.83 -6.04 -11.35
N TYR B 313 -16.15 -6.83 -10.33
CA TYR B 313 -16.79 -6.36 -9.11
C TYR B 313 -15.88 -6.67 -7.94
N ILE B 314 -15.71 -5.71 -7.03
CA ILE B 314 -14.94 -5.89 -5.80
C ILE B 314 -15.92 -5.91 -4.62
N ARG B 315 -15.69 -6.81 -3.67
CA ARG B 315 -16.51 -6.93 -2.46
C ARG B 315 -16.24 -5.74 -1.54
N GLU B 316 -17.32 -5.21 -0.95
CA GLU B 316 -17.27 -3.95 -0.21
C GLU B 316 -16.44 -4.05 1.07
N SER B 317 -16.64 -5.14 1.81
CA SER B 317 -15.84 -5.47 3.01
C SER B 317 -14.34 -5.61 2.74
N LYS B 318 -13.98 -6.10 1.55
CA LYS B 318 -12.58 -6.28 1.12
C LYS B 318 -12.00 -5.13 0.26
N LEU B 319 -12.74 -4.02 0.11
CA LEU B 319 -12.37 -2.96 -0.85
C LEU B 319 -11.16 -2.14 -0.42
N SER B 320 -11.06 -1.81 0.87
CA SER B 320 -9.88 -1.11 1.44
C SER B 320 -8.58 -1.93 1.30
N GLU B 321 -8.69 -3.25 1.44
CA GLU B 321 -7.53 -4.15 1.33
C GLU B 321 -7.14 -4.37 -0.13
N VAL B 322 -8.13 -4.70 -0.98
CA VAL B 322 -7.95 -4.95 -2.42
C VAL B 322 -7.37 -3.74 -3.16
N LEU B 323 -7.97 -2.57 -2.91
CA LEU B 323 -7.53 -1.29 -3.49
C LEU B 323 -6.68 -0.45 -2.51
N GLN B 324 -5.88 -1.12 -1.66
CA GLN B 324 -4.92 -0.42 -0.77
C GLN B 324 -3.90 0.41 -1.56
N ALA B 325 -3.45 1.50 -0.95
CA ALA B 325 -2.56 2.45 -1.64
C ALA B 325 -1.18 1.82 -1.88
N VAL B 326 -0.76 1.79 -3.15
CA VAL B 326 0.60 1.40 -3.54
C VAL B 326 1.46 2.66 -3.59
N THR B 327 2.74 2.52 -3.25
CA THR B 327 3.76 3.56 -3.42
C THR B 327 4.97 2.97 -4.15
N ASP B 328 5.92 3.83 -4.49
CA ASP B 328 7.22 3.41 -5.06
C ASP B 328 8.07 2.58 -4.08
N HIS B 329 7.80 2.76 -2.79
CA HIS B 329 8.48 2.02 -1.71
C HIS B 329 8.06 0.54 -1.64
N ASP B 330 6.86 0.23 -2.12
CA ASP B 330 6.35 -1.16 -2.20
C ASP B 330 6.96 -2.05 -3.30
N ILE B 331 7.79 -1.47 -4.19
CA ILE B 331 8.54 -2.24 -5.20
C ILE B 331 9.93 -2.48 -4.58
N PRO B 332 10.36 -3.77 -4.44
CA PRO B 332 11.69 -4.07 -3.86
C PRO B 332 12.89 -3.47 -4.61
N GLN B 333 14.00 -3.31 -3.88
CA GLN B 333 15.22 -2.65 -4.40
C GLN B 333 15.83 -3.39 -5.59
N GLN B 334 15.97 -4.71 -5.47
CA GLN B 334 16.55 -5.59 -6.53
C GLN B 334 15.80 -5.49 -7.87
N LEU B 335 14.47 -5.45 -7.78
CA LEU B 335 13.60 -5.27 -8.95
C LEU B 335 13.71 -3.87 -9.56
N VAL B 336 13.74 -2.83 -8.72
CA VAL B 336 13.92 -1.44 -9.18
C VAL B 336 15.30 -1.29 -9.84
N GLU B 337 16.35 -1.74 -9.14
CA GLU B 337 17.73 -1.80 -9.70
C GLU B 337 17.84 -2.58 -11.01
N ARG B 338 17.10 -3.68 -11.13
CA ARG B 338 17.06 -4.49 -12.36
C ARG B 338 16.40 -3.76 -13.54
N LEU B 339 15.20 -3.25 -13.30
CA LEU B 339 14.40 -2.57 -14.34
C LEU B 339 14.98 -1.22 -14.80
N GLN B 340 15.68 -0.50 -13.92
CA GLN B 340 16.44 0.70 -14.32
C GLN B 340 17.69 0.36 -15.14
N GLU B 341 18.40 -0.71 -14.79
CA GLU B 341 19.58 -1.18 -15.56
C GLU B 341 19.21 -1.65 -16.98
N GLU B 342 18.00 -2.16 -17.18
CA GLU B 342 17.43 -2.38 -18.52
C GLU B 342 17.24 -1.06 -19.27
N LYS B 343 16.54 -0.12 -18.65
CA LYS B 343 16.23 1.21 -19.25
C LYS B 343 17.45 2.09 -19.58
N ARG B 344 18.53 1.97 -18.80
CA ARG B 344 19.81 2.64 -19.09
C ARG B 344 20.50 2.07 -20.34
N ILE B 345 20.53 0.73 -20.45
CA ILE B 345 21.10 0.03 -21.62
C ILE B 345 20.20 0.21 -22.86
N GLU B 346 18.89 0.02 -22.69
CA GLU B 346 17.88 0.17 -23.76
C GLU B 346 17.81 1.55 -24.42
N ALA B 347 18.14 2.61 -23.65
CA ALA B 347 18.19 3.99 -24.18
C ALA B 347 19.34 4.17 -25.16
N GLN B 348 20.57 3.92 -24.69
CA GLN B 348 21.82 4.04 -25.46
C GLN B 348 22.26 5.47 -25.73
#